data_5V2K
#
_entry.id   5V2K
#
_cell.length_a   65.122
_cell.length_b   87.270
_cell.length_c   162.674
_cell.angle_alpha   90.00
_cell.angle_beta   90.00
_cell.angle_gamma   90.00
#
_symmetry.space_group_name_H-M   'P 21 21 21'
#
loop_
_entity.id
_entity.type
_entity.pdbx_description
1 polymer 'UDP-glycosyltransferase 74F2'
2 branched beta-D-glucopyranose-(1-3)-beta-D-glucopyranose
3 non-polymer beta-D-glucopyranose
4 non-polymer "URIDINE-5'-DIPHOSPHATE"
5 non-polymer '2-bromobenzoic acid'
6 water water
#
_entity_poly.entity_id   1
_entity_poly.type   'polypeptide(L)'
_entity_poly.pdbx_seq_one_letter_code
;MEHKRGHVLAVPYPAQGHITPFRQFCKRLHFKGLKTTLALTTFVFNSINPDLSGPISIATISDGYDHGGFETADSIDDYL
KDFKTSGSKTIADIIQKHQTSDNPITCIVYDAFLPWALDVAREFGLVATPFFTQPCAVNYVYYLSYINNGSLQLPIEELP
FLELQDLPSFFSVSGSYPAYFEMVLQQFINFEKADFVLVNSFQELELHENELWSKACPVLTIGPTIPSIYLDQRIKSDTG
YDLNLFESKDDSFCINWLDTRPQGSVVYVAFGSMAQLTNVQMEELASAVSNFSFLWVVRSSEEEKLPSGFLETVNKEKSL
VLKWSPQLQVLSNKAIGCFLTHCGWNSTMEALTFGVPMVAMPQWTDQPMNAKYIQDVWKAGVRVKTEKESGIAKREEIEF
SIKEVMEGERSKEMKKNVKKWRDLAVKSLNEGGSTDTNIDTFVSRVQSK
;
_entity_poly.pdbx_strand_id   A,B
#
loop_
_chem_comp.id
_chem_comp.type
_chem_comp.name
_chem_comp.formula
7WV non-polymer '2-bromobenzoic acid' 'C7 H5 Br O2'
BGC D-saccharide, beta linking beta-D-glucopyranose 'C6 H12 O6'
UDP RNA linking URIDINE-5'-DIPHOSPHATE 'C9 H14 N2 O12 P2'
#
# COMPACT_ATOMS: atom_id res chain seq x y z
N LYS A 4 39.25 -12.78 -27.19
CA LYS A 4 39.62 -11.38 -26.97
C LYS A 4 39.31 -10.52 -28.22
N ARG A 5 38.52 -11.07 -29.15
CA ARG A 5 38.28 -10.37 -30.41
C ARG A 5 37.37 -9.14 -30.25
N GLY A 6 36.22 -9.32 -29.59
CA GLY A 6 35.19 -8.29 -29.61
C GLY A 6 35.58 -7.00 -28.91
N HIS A 7 34.86 -5.92 -29.26
CA HIS A 7 35.15 -4.58 -28.71
C HIS A 7 33.87 -3.76 -28.72
N VAL A 8 33.36 -3.41 -27.54
CA VAL A 8 32.11 -2.66 -27.40
C VAL A 8 32.41 -1.18 -27.23
N LEU A 9 31.77 -0.36 -28.03
CA LEU A 9 31.67 1.07 -27.81
C LEU A 9 30.34 1.33 -27.11
N ALA A 10 30.40 1.85 -25.90
CA ALA A 10 29.25 2.08 -25.04
C ALA A 10 28.91 3.56 -25.02
N VAL A 11 27.67 3.88 -25.40
CA VAL A 11 27.29 5.28 -25.56
C VAL A 11 26.13 5.67 -24.65
N PRO A 12 26.38 6.12 -23.42
CA PRO A 12 25.27 6.55 -22.54
C PRO A 12 24.70 7.91 -22.94
N TYR A 13 23.40 8.12 -22.62
CA TYR A 13 22.92 9.49 -22.57
C TYR A 13 23.83 10.29 -21.62
N PRO A 14 24.17 11.52 -21.96
CA PRO A 14 25.20 12.27 -21.19
C PRO A 14 24.70 12.82 -19.86
N ALA A 15 24.40 11.93 -18.93
CA ALA A 15 23.89 12.33 -17.63
C ALA A 15 24.25 11.23 -16.63
N GLN A 16 24.34 11.63 -15.35
CA GLN A 16 24.91 10.74 -14.34
C GLN A 16 24.18 9.41 -14.24
N GLY A 17 22.84 9.43 -14.27
CA GLY A 17 22.09 8.20 -14.09
C GLY A 17 22.15 7.28 -15.26
N HIS A 18 22.78 7.73 -16.35
CA HIS A 18 22.99 6.89 -17.51
C HIS A 18 24.45 6.48 -17.64
N ILE A 19 25.40 7.38 -17.38
CA ILE A 19 26.81 7.03 -17.47
C ILE A 19 27.17 5.95 -16.46
N THR A 20 26.66 6.07 -15.24
CA THR A 20 26.95 5.10 -14.18
C THR A 20 26.52 3.67 -14.53
N PRO A 21 25.25 3.37 -14.85
CA PRO A 21 24.94 1.98 -15.25
C PRO A 21 25.74 1.50 -16.47
N PHE A 22 26.03 2.39 -17.42
CA PHE A 22 26.82 2.01 -18.60
C PHE A 22 28.24 1.64 -18.21
N ARG A 23 28.87 2.46 -17.35
CA ARG A 23 30.22 2.17 -16.91
C ARG A 23 30.27 0.89 -16.09
N GLN A 24 29.32 0.73 -15.17
CA GLN A 24 29.26 -0.48 -14.37
C GLN A 24 29.12 -1.72 -15.25
N PHE A 25 28.27 -1.65 -16.27
CA PHE A 25 28.12 -2.77 -17.19
C PHE A 25 29.43 -3.07 -17.92
N CYS A 26 30.18 -2.04 -18.31
CA CYS A 26 31.47 -2.28 -18.97
C CYS A 26 32.44 -3.02 -18.06
N LYS A 27 32.40 -2.74 -16.75
CA LYS A 27 33.22 -3.47 -15.78
C LYS A 27 32.91 -4.96 -15.78
N ARG A 28 31.62 -5.32 -15.82
CA ARG A 28 31.25 -6.74 -15.95
C ARG A 28 31.79 -7.34 -17.23
N LEU A 29 31.51 -6.67 -18.36
CA LEU A 29 32.00 -7.12 -19.66
C LEU A 29 33.51 -7.31 -19.64
N HIS A 30 34.25 -6.36 -19.07
CA HIS A 30 35.70 -6.52 -18.99
C HIS A 30 36.07 -7.79 -18.20
N PHE A 31 35.42 -8.00 -17.04
CA PHE A 31 35.68 -9.20 -16.26
C PHE A 31 35.41 -10.47 -17.07
N LYS A 32 34.45 -10.42 -18.00
CA LYS A 32 34.14 -11.58 -18.85
C LYS A 32 35.04 -11.67 -20.07
N GLY A 33 35.94 -10.71 -20.27
CA GLY A 33 36.90 -10.76 -21.35
C GLY A 33 36.60 -9.91 -22.57
N LEU A 34 35.64 -9.01 -22.48
CA LEU A 34 35.25 -8.14 -23.58
C LEU A 34 35.91 -6.77 -23.39
N LYS A 35 36.67 -6.31 -24.38
CA LYS A 35 37.19 -4.95 -24.34
C LYS A 35 36.05 -3.95 -24.52
N THR A 36 36.08 -2.85 -23.76
CA THR A 36 35.04 -1.83 -23.84
C THR A 36 35.72 -0.48 -23.95
N THR A 37 35.09 0.42 -24.70
CA THR A 37 35.40 1.84 -24.70
C THR A 37 34.12 2.61 -24.39
N LEU A 38 34.20 3.54 -23.45
CA LEU A 38 33.06 4.36 -23.05
C LEU A 38 33.12 5.69 -23.79
N ALA A 39 32.02 6.06 -24.47
CA ALA A 39 31.92 7.29 -25.25
C ALA A 39 31.28 8.37 -24.40
N LEU A 40 32.06 9.39 -24.04
CA LEU A 40 31.59 10.55 -23.30
C LEU A 40 31.61 11.76 -24.23
N THR A 41 30.61 12.62 -24.09
CA THR A 41 30.66 13.90 -24.77
C THR A 41 31.85 14.73 -24.27
N THR A 42 32.41 15.54 -25.17
CA THR A 42 33.53 16.42 -24.79
C THR A 42 33.21 17.29 -23.59
N PHE A 43 32.01 17.85 -23.53
CA PHE A 43 31.68 18.68 -22.38
C PHE A 43 31.78 17.90 -21.08
N VAL A 44 31.24 16.69 -21.07
CA VAL A 44 31.24 15.90 -19.83
C VAL A 44 32.66 15.43 -19.53
N PHE A 45 33.41 15.03 -20.56
CA PHE A 45 34.78 14.56 -20.35
C PHE A 45 35.64 15.65 -19.70
N ASN A 46 35.51 16.88 -20.16
CA ASN A 46 36.29 17.98 -19.62
C ASN A 46 35.80 18.45 -18.26
N SER A 47 34.62 17.99 -17.82
CA SER A 47 34.14 18.33 -16.47
C SER A 47 34.53 17.27 -15.45
N ILE A 48 34.58 15.99 -15.82
CA ILE A 48 35.02 14.99 -14.86
C ILE A 48 36.52 15.00 -14.70
N ASN A 49 37.25 15.41 -15.76
CA ASN A 49 38.67 15.11 -15.88
C ASN A 49 38.93 13.69 -15.37
N PRO A 50 38.47 12.66 -16.08
CA PRO A 50 38.59 11.29 -15.56
C PRO A 50 40.03 10.83 -15.53
N ASP A 51 40.29 9.83 -14.70
CA ASP A 51 41.57 9.15 -14.73
C ASP A 51 41.50 8.03 -15.75
N LEU A 52 42.50 7.98 -16.62
CA LEU A 52 42.49 7.11 -17.79
C LEU A 52 43.36 5.87 -17.63
N SER A 53 43.90 5.62 -16.44
CA SER A 53 44.71 4.43 -16.16
C SER A 53 43.84 3.33 -15.55
N GLY A 54 42.86 2.87 -16.35
CA GLY A 54 41.94 1.87 -15.89
C GLY A 54 41.51 0.93 -17.02
N PRO A 55 40.77 -0.13 -16.68
CA PRO A 55 40.44 -1.15 -17.69
C PRO A 55 39.46 -0.68 -18.77
N ILE A 56 38.71 0.41 -18.54
CA ILE A 56 37.71 0.91 -19.48
C ILE A 56 38.24 2.22 -20.07
N SER A 57 38.56 2.19 -21.37
CA SER A 57 39.09 3.32 -22.11
C SER A 57 38.00 4.32 -22.43
N ILE A 58 38.40 5.56 -22.69
CA ILE A 58 37.47 6.66 -22.95
C ILE A 58 37.72 7.21 -24.34
N ALA A 59 36.63 7.43 -25.09
CA ALA A 59 36.67 8.20 -26.32
C ALA A 59 35.72 9.37 -26.13
N THR A 60 35.95 10.48 -26.83
CA THR A 60 35.02 11.60 -26.74
C THR A 60 34.18 11.70 -28.01
N ILE A 61 32.92 12.07 -27.83
CA ILE A 61 32.04 12.37 -28.94
C ILE A 61 31.52 13.76 -28.68
N SER A 62 30.68 14.26 -29.58
CA SER A 62 30.09 15.58 -29.41
C SER A 62 28.57 15.48 -29.43
N ASP A 63 27.93 16.30 -28.60
CA ASP A 63 26.49 16.52 -28.65
C ASP A 63 26.16 17.83 -29.33
N GLY A 64 27.15 18.50 -29.91
CA GLY A 64 26.94 19.83 -30.41
C GLY A 64 27.19 20.95 -29.41
N TYR A 65 27.48 20.62 -28.15
CA TYR A 65 27.66 21.64 -27.09
C TYR A 65 28.94 21.38 -26.31
N ASP A 66 30.07 21.36 -27.03
CA ASP A 66 31.33 20.96 -26.40
C ASP A 66 31.77 21.96 -25.33
N HIS A 67 31.52 23.25 -25.56
CA HIS A 67 32.06 24.28 -24.67
C HIS A 67 31.31 24.30 -23.34
N GLY A 68 29.97 24.33 -23.40
CA GLY A 68 29.18 24.48 -22.19
C GLY A 68 28.15 23.41 -21.92
N GLY A 69 27.95 22.46 -22.84
CA GLY A 69 26.99 21.39 -22.61
C GLY A 69 25.52 21.79 -22.68
N PHE A 70 24.68 20.96 -22.03
CA PHE A 70 23.22 21.10 -22.18
C PHE A 70 22.71 22.51 -21.87
N GLU A 71 23.31 23.17 -20.88
CA GLU A 71 22.73 24.44 -20.46
C GLU A 71 22.93 25.55 -21.50
N THR A 72 23.86 25.39 -22.42
CA THR A 72 24.03 26.36 -23.48
C THR A 72 23.11 26.09 -24.67
N ALA A 73 22.29 25.04 -24.60
CA ALA A 73 21.37 24.75 -25.69
C ALA A 73 20.12 25.59 -25.51
N ASP A 74 19.55 26.05 -26.63
CA ASP A 74 18.36 26.88 -26.54
C ASP A 74 17.22 26.12 -25.86
N SER A 75 17.09 24.82 -26.17
CA SER A 75 15.87 24.07 -25.87
C SER A 75 16.19 22.58 -25.88
N ILE A 76 15.28 21.80 -25.28
CA ILE A 76 15.54 20.36 -25.25
C ILE A 76 15.49 19.78 -26.68
N ASP A 77 14.53 20.22 -27.49
CA ASP A 77 14.40 19.69 -28.86
C ASP A 77 15.63 20.00 -29.71
N ASP A 78 16.20 21.20 -29.56
CA ASP A 78 17.45 21.55 -30.23
C ASP A 78 18.61 20.70 -29.72
N TYR A 79 18.69 20.50 -28.41
CA TYR A 79 19.73 19.62 -27.85
C TYR A 79 19.68 18.21 -28.45
N LEU A 80 18.50 17.57 -28.45
CA LEU A 80 18.43 16.19 -28.93
C LEU A 80 18.66 16.11 -30.44
N LYS A 81 18.18 17.09 -31.20
CA LYS A 81 18.38 17.08 -32.63
C LYS A 81 19.84 17.32 -32.97
N ASP A 82 20.49 18.25 -32.26
CA ASP A 82 21.92 18.48 -32.47
C ASP A 82 22.74 17.28 -32.01
N PHE A 83 22.33 16.63 -30.91
CA PHE A 83 23.04 15.44 -30.47
C PHE A 83 22.91 14.31 -31.50
N LYS A 84 21.75 14.19 -32.15
CA LYS A 84 21.67 13.20 -33.24
C LYS A 84 22.65 13.53 -34.35
N THR A 85 22.74 14.80 -34.73
CA THR A 85 23.66 15.19 -35.82
C THR A 85 25.10 14.96 -35.42
N SER A 86 25.56 15.59 -34.33
CA SER A 86 26.98 15.53 -34.03
C SER A 86 27.36 14.18 -33.45
N GLY A 87 26.41 13.57 -32.74
CA GLY A 87 26.68 12.27 -32.17
C GLY A 87 26.83 11.23 -33.26
N SER A 88 26.02 11.33 -34.31
CA SER A 88 26.10 10.35 -35.39
C SER A 88 27.46 10.42 -36.09
N LYS A 89 27.93 11.64 -36.38
CA LYS A 89 29.22 11.78 -37.04
C LYS A 89 30.37 11.41 -36.12
N THR A 90 30.33 11.84 -34.86
CA THR A 90 31.48 11.59 -33.99
C THR A 90 31.54 10.13 -33.55
N ILE A 91 30.39 9.44 -33.47
CA ILE A 91 30.47 8.01 -33.24
C ILE A 91 31.05 7.28 -34.46
N ALA A 92 30.59 7.64 -35.67
CA ALA A 92 31.22 7.09 -36.89
C ALA A 92 32.72 7.38 -36.88
N ASP A 93 33.11 8.57 -36.40
CA ASP A 93 34.51 8.97 -36.37
C ASP A 93 35.33 8.01 -35.51
N ILE A 94 34.77 7.56 -34.37
CA ILE A 94 35.47 6.65 -33.47
C ILE A 94 35.60 5.27 -34.12
N ILE A 95 34.51 4.78 -34.71
CA ILE A 95 34.56 3.49 -35.41
C ILE A 95 35.68 3.48 -36.44
N GLN A 96 35.73 4.52 -37.27
CA GLN A 96 36.73 4.57 -38.33
C GLN A 96 38.14 4.65 -37.75
N LYS A 97 38.32 5.47 -36.71
CA LYS A 97 39.64 5.60 -36.09
C LYS A 97 40.14 4.27 -35.53
N HIS A 98 39.23 3.36 -35.16
CA HIS A 98 39.67 2.08 -34.62
C HIS A 98 39.82 0.97 -35.65
N GLN A 99 39.42 1.21 -36.90
CA GLN A 99 39.38 0.16 -37.92
C GLN A 99 40.76 -0.48 -38.16
N THR A 100 41.81 0.33 -38.21
CA THR A 100 43.13 -0.24 -38.43
C THR A 100 43.77 -0.80 -37.15
N SER A 101 43.06 -0.80 -36.03
CA SER A 101 43.65 -1.12 -34.74
C SER A 101 43.67 -2.64 -34.49
N ASP A 102 44.25 -3.00 -33.35
CA ASP A 102 44.33 -4.39 -32.94
C ASP A 102 42.96 -4.98 -32.67
N ASN A 103 42.08 -4.20 -32.03
CA ASN A 103 40.68 -4.59 -31.78
C ASN A 103 39.79 -3.51 -32.37
N PRO A 104 39.40 -3.63 -33.64
CA PRO A 104 38.34 -2.76 -34.17
C PRO A 104 37.07 -2.85 -33.32
N ILE A 105 36.31 -1.77 -33.29
CA ILE A 105 35.00 -1.82 -32.63
C ILE A 105 34.12 -2.80 -33.37
N THR A 106 33.46 -3.69 -32.62
CA THR A 106 32.56 -4.67 -33.25
C THR A 106 31.11 -4.50 -32.82
N CYS A 107 30.83 -3.71 -31.80
CA CYS A 107 29.50 -3.62 -31.22
C CYS A 107 29.28 -2.23 -30.64
N ILE A 108 28.08 -1.68 -30.84
CA ILE A 108 27.66 -0.45 -30.17
C ILE A 108 26.57 -0.81 -29.17
N VAL A 109 26.84 -0.58 -27.89
CA VAL A 109 25.80 -0.54 -26.88
C VAL A 109 25.45 0.93 -26.65
N TYR A 110 24.23 1.31 -27.02
CA TYR A 110 23.82 2.71 -27.03
C TYR A 110 22.61 2.89 -26.12
N ASP A 111 22.55 4.04 -25.46
CA ASP A 111 21.40 4.38 -24.67
C ASP A 111 20.12 4.21 -25.48
N ALA A 112 19.12 3.53 -24.90
CA ALA A 112 17.84 3.41 -25.61
C ALA A 112 17.25 4.78 -25.96
N PHE A 113 17.56 5.85 -25.19
CA PHE A 113 17.12 7.20 -25.56
C PHE A 113 17.62 7.67 -26.92
N LEU A 114 18.61 6.99 -27.51
CA LEU A 114 19.32 7.46 -28.71
C LEU A 114 19.19 6.43 -29.84
N PRO A 115 17.96 6.15 -30.32
CA PRO A 115 17.80 5.05 -31.29
C PRO A 115 18.54 5.26 -32.58
N TRP A 116 18.94 6.51 -32.88
CA TRP A 116 19.72 6.81 -34.08
C TRP A 116 21.10 6.19 -34.05
N ALA A 117 21.59 5.79 -32.88
CA ALA A 117 22.89 5.16 -32.83
C ALA A 117 22.84 3.78 -33.47
N LEU A 118 21.66 3.16 -33.47
CA LEU A 118 21.52 1.90 -34.19
C LEU A 118 21.81 2.08 -35.68
N ASP A 119 21.39 3.23 -36.24
CA ASP A 119 21.67 3.48 -37.66
C ASP A 119 23.16 3.62 -37.92
N VAL A 120 23.89 4.25 -37.00
CA VAL A 120 25.33 4.29 -37.15
C VAL A 120 25.91 2.88 -37.10
N ALA A 121 25.51 2.09 -36.09
CA ALA A 121 26.06 0.72 -35.97
C ALA A 121 25.78 -0.12 -37.22
N ARG A 122 24.58 0.00 -37.76
CA ARG A 122 24.19 -0.79 -38.93
C ARG A 122 24.92 -0.34 -40.18
N GLU A 123 25.18 0.97 -40.31
CA GLU A 123 26.00 1.45 -41.43
C GLU A 123 27.35 0.76 -41.47
N PHE A 124 27.99 0.57 -40.30
CA PHE A 124 29.30 -0.05 -40.28
C PHE A 124 29.26 -1.56 -40.03
N GLY A 125 28.10 -2.20 -40.15
CA GLY A 125 28.02 -3.65 -40.03
C GLY A 125 28.27 -4.20 -38.62
N LEU A 126 28.00 -3.41 -37.58
CA LEU A 126 28.31 -3.80 -36.21
C LEU A 126 27.08 -4.41 -35.52
N VAL A 127 27.35 -5.20 -34.47
CA VAL A 127 26.30 -5.55 -33.51
C VAL A 127 25.77 -4.29 -32.83
N ALA A 128 24.45 -4.24 -32.60
CA ALA A 128 23.84 -3.06 -32.01
C ALA A 128 22.84 -3.49 -30.96
N THR A 129 22.92 -2.91 -29.77
CA THR A 129 21.99 -3.25 -28.71
C THR A 129 21.65 -1.99 -27.92
N PRO A 130 20.37 -1.61 -27.87
CA PRO A 130 19.96 -0.56 -26.96
C PRO A 130 20.03 -1.02 -25.51
N PHE A 131 20.29 -0.06 -24.64
CA PHE A 131 20.49 -0.34 -23.22
C PHE A 131 19.48 0.54 -22.48
N PHE A 132 18.51 -0.09 -21.83
CA PHE A 132 17.46 0.63 -21.12
C PHE A 132 17.90 0.83 -19.67
N THR A 133 18.07 2.08 -19.25
CA THR A 133 18.50 2.34 -17.89
C THR A 133 17.32 2.41 -16.93
N GLN A 134 16.09 2.23 -17.41
CA GLN A 134 14.92 2.24 -16.56
C GLN A 134 14.25 0.86 -16.52
N PRO A 135 13.38 0.59 -15.54
CA PRO A 135 12.92 -0.80 -15.32
C PRO A 135 11.95 -1.30 -16.37
N CYS A 136 11.78 -2.63 -16.38
CA CYS A 136 10.84 -3.26 -17.32
C CYS A 136 9.44 -2.66 -17.27
N ALA A 137 8.92 -2.41 -16.07
CA ALA A 137 7.54 -1.92 -15.99
C ALA A 137 7.40 -0.59 -16.71
N VAL A 138 8.34 0.31 -16.48
CA VAL A 138 8.33 1.62 -17.12
C VAL A 138 8.44 1.47 -18.63
N ASN A 139 9.41 0.66 -19.07
CA ASN A 139 9.63 0.54 -20.49
C ASN A 139 8.43 -0.11 -21.16
N TYR A 140 7.79 -1.04 -20.48
CA TYR A 140 6.63 -1.70 -21.08
C TYR A 140 5.48 -0.72 -21.24
N VAL A 141 5.25 0.10 -20.22
CA VAL A 141 4.25 1.17 -20.30
C VAL A 141 4.56 2.09 -21.47
N TYR A 142 5.83 2.51 -21.61
CA TYR A 142 6.18 3.32 -22.76
C TYR A 142 5.95 2.56 -24.05
N TYR A 143 6.31 1.27 -24.07
CA TYR A 143 6.09 0.48 -25.28
C TYR A 143 4.61 0.44 -25.64
N LEU A 144 3.75 0.16 -24.66
CA LEU A 144 2.31 0.13 -24.96
C LEU A 144 1.85 1.46 -25.54
N SER A 145 2.36 2.56 -25.00
CA SER A 145 1.95 3.85 -25.50
C SER A 145 2.49 4.10 -26.90
N TYR A 146 3.72 3.64 -27.21
CA TYR A 146 4.29 3.86 -28.54
C TYR A 146 3.45 3.18 -29.61
N ILE A 147 2.93 1.97 -29.33
CA ILE A 147 2.14 1.27 -30.35
C ILE A 147 0.72 1.80 -30.39
N ASN A 148 0.32 2.58 -29.39
CA ASN A 148 -0.98 3.21 -29.27
C ASN A 148 -0.96 4.69 -29.70
N ASN A 149 -0.01 5.07 -30.56
CA ASN A 149 0.12 6.44 -31.06
C ASN A 149 0.33 7.44 -29.93
N GLY A 150 1.10 7.05 -28.92
CA GLY A 150 1.47 7.96 -27.86
C GLY A 150 0.41 8.26 -26.83
N SER A 151 -0.61 7.40 -26.70
CA SER A 151 -1.66 7.54 -25.69
C SER A 151 -1.71 6.30 -24.81
N LEU A 152 -2.43 6.42 -23.69
CA LEU A 152 -2.60 5.35 -22.73
C LEU A 152 -3.94 5.53 -22.04
N GLN A 153 -4.82 4.54 -22.15
CA GLN A 153 -6.15 4.59 -21.56
C GLN A 153 -6.22 3.57 -20.44
N LEU A 154 -6.56 4.01 -19.28
CA LEU A 154 -6.63 3.22 -18.07
C LEU A 154 -8.02 2.58 -17.92
N PRO A 155 -8.10 1.38 -17.32
CA PRO A 155 -6.94 0.68 -16.76
C PRO A 155 -6.15 -0.07 -17.83
N ILE A 156 -4.88 -0.32 -17.54
CA ILE A 156 -4.08 -1.17 -18.42
C ILE A 156 -4.37 -2.61 -18.07
N GLU A 157 -4.85 -3.37 -19.04
CA GLU A 157 -5.34 -4.72 -18.79
C GLU A 157 -4.34 -5.57 -18.00
N GLU A 158 -3.10 -5.65 -18.49
CA GLU A 158 -2.09 -6.50 -17.88
C GLU A 158 -1.50 -5.92 -16.60
N LEU A 159 -1.69 -4.63 -16.34
CA LEU A 159 -1.19 -3.99 -15.12
C LEU A 159 -2.31 -3.15 -14.52
N PRO A 160 -3.38 -3.78 -14.04
CA PRO A 160 -4.62 -3.02 -13.76
C PRO A 160 -4.54 -2.14 -12.54
N PHE A 161 -3.57 -2.38 -11.65
CA PHE A 161 -3.38 -1.60 -10.44
C PHE A 161 -2.83 -0.20 -10.69
N LEU A 162 -2.43 0.12 -11.93
CA LEU A 162 -1.84 1.41 -12.21
C LEU A 162 -2.92 2.47 -12.40
N GLU A 163 -2.88 3.51 -11.58
CA GLU A 163 -3.70 4.70 -11.75
C GLU A 163 -2.89 5.81 -12.42
N LEU A 164 -3.61 6.84 -12.87
CA LEU A 164 -2.98 7.94 -13.61
C LEU A 164 -1.82 8.57 -12.83
N GLN A 165 -1.98 8.72 -11.51
CA GLN A 165 -0.93 9.31 -10.67
C GLN A 165 0.31 8.41 -10.53
N ASP A 166 0.28 7.20 -11.07
CA ASP A 166 1.41 6.28 -11.06
C ASP A 166 2.13 6.17 -12.41
N LEU A 167 1.54 6.69 -13.49
CA LEU A 167 2.18 6.64 -14.79
C LEU A 167 3.32 7.65 -14.88
N PRO A 168 4.21 7.50 -15.86
CA PRO A 168 5.26 8.52 -16.04
C PRO A 168 4.68 9.92 -16.21
N SER A 169 5.39 10.91 -15.66
CA SER A 169 4.87 12.28 -15.57
C SER A 169 4.30 12.79 -16.89
N PHE A 170 4.87 12.33 -18.02
CA PHE A 170 4.40 12.82 -19.32
C PHE A 170 2.92 12.50 -19.55
N PHE A 171 2.38 11.45 -18.92
CA PHE A 171 0.96 11.12 -19.07
C PHE A 171 0.06 11.88 -18.11
N SER A 172 0.55 12.24 -16.91
CA SER A 172 -0.31 12.95 -15.95
C SER A 172 -0.13 14.47 -15.97
N VAL A 173 0.98 14.99 -16.51
CA VAL A 173 1.12 16.43 -16.66
C VAL A 173 0.98 16.78 -18.14
N SER A 174 -0.23 17.13 -18.59
CA SER A 174 -0.49 17.13 -20.02
C SER A 174 0.41 18.13 -20.75
N GLY A 175 1.10 17.64 -21.78
CA GLY A 175 1.91 18.47 -22.66
C GLY A 175 3.31 18.83 -22.15
N SER A 176 3.68 18.42 -20.95
CA SER A 176 4.97 18.81 -20.39
C SER A 176 6.11 18.07 -21.08
N TYR A 177 7.23 18.78 -21.29
CA TYR A 177 8.43 18.20 -21.88
C TYR A 177 8.16 17.38 -23.15
N PRO A 178 7.58 17.98 -24.19
CA PRO A 178 7.17 17.17 -25.37
C PRO A 178 8.34 16.54 -26.09
N ALA A 179 9.53 17.17 -26.06
CA ALA A 179 10.69 16.57 -26.70
C ALA A 179 11.15 15.30 -25.97
N TYR A 180 11.10 15.32 -24.63
CA TYR A 180 11.48 14.14 -23.86
C TYR A 180 10.41 13.04 -23.92
N PHE A 181 9.14 13.43 -23.96
CA PHE A 181 8.07 12.44 -24.17
C PHE A 181 8.25 11.73 -25.51
N GLU A 182 8.43 12.48 -26.59
CA GLU A 182 8.75 11.88 -27.87
C GLU A 182 9.95 10.93 -27.78
N MET A 183 11.00 11.36 -27.06
CA MET A 183 12.20 10.56 -26.90
C MET A 183 11.92 9.22 -26.22
N VAL A 184 11.15 9.23 -25.12
CA VAL A 184 10.95 7.96 -24.40
C VAL A 184 10.04 7.05 -25.19
N LEU A 185 9.11 7.61 -25.97
CA LEU A 185 8.28 6.80 -26.85
C LEU A 185 9.11 6.22 -27.99
N GLN A 186 9.95 7.06 -28.61
CA GLN A 186 10.67 6.61 -29.79
C GLN A 186 11.82 5.68 -29.46
N GLN A 187 12.06 5.38 -28.18
CA GLN A 187 12.97 4.30 -27.85
C GLN A 187 12.59 3.02 -28.60
N PHE A 188 11.33 2.87 -29.01
CA PHE A 188 10.86 1.64 -29.62
C PHE A 188 10.70 1.76 -31.13
N ILE A 189 11.31 2.79 -31.73
CA ILE A 189 11.07 3.00 -33.15
C ILE A 189 11.75 1.91 -33.99
N ASN A 190 12.86 1.36 -33.49
CA ASN A 190 13.63 0.37 -34.24
C ASN A 190 14.19 -0.74 -33.35
N PHE A 191 13.77 -0.83 -32.08
CA PHE A 191 14.46 -1.69 -31.10
C PHE A 191 14.28 -3.18 -31.38
N GLU A 192 13.24 -3.56 -32.11
CA GLU A 192 13.09 -4.93 -32.56
C GLU A 192 14.15 -5.34 -33.57
N LYS A 193 14.84 -4.39 -34.21
CA LYS A 193 15.86 -4.73 -35.21
C LYS A 193 17.25 -4.91 -34.59
N ALA A 194 17.42 -4.61 -33.30
CA ALA A 194 18.71 -4.77 -32.66
C ALA A 194 19.00 -6.24 -32.33
N ASP A 195 20.29 -6.56 -32.19
CA ASP A 195 20.69 -7.93 -31.89
C ASP A 195 20.06 -8.42 -30.59
N PHE A 196 20.12 -7.60 -29.54
CA PHE A 196 19.43 -7.83 -28.26
C PHE A 196 18.96 -6.48 -27.73
N VAL A 197 18.07 -6.55 -26.73
CA VAL A 197 17.63 -5.37 -25.98
C VAL A 197 18.09 -5.56 -24.54
N LEU A 198 18.87 -4.60 -24.01
CA LEU A 198 19.42 -4.74 -22.67
C LEU A 198 18.66 -3.84 -21.69
N VAL A 199 18.47 -4.33 -20.46
CA VAL A 199 17.74 -3.62 -19.42
C VAL A 199 18.53 -3.66 -18.13
N ASN A 200 18.66 -2.51 -17.49
CA ASN A 200 19.32 -2.49 -16.19
C ASN A 200 18.31 -2.80 -15.08
N SER A 201 17.93 -4.07 -15.02
CA SER A 201 17.12 -4.60 -13.93
C SER A 201 17.47 -6.08 -13.79
N PHE A 202 16.82 -6.78 -12.86
CA PHE A 202 16.98 -8.22 -12.81
C PHE A 202 15.61 -8.90 -12.78
N GLN A 203 15.56 -10.05 -13.44
CA GLN A 203 14.29 -10.67 -13.80
C GLN A 203 13.43 -10.94 -12.56
N GLU A 204 14.07 -11.30 -11.46
CA GLU A 204 13.36 -11.62 -10.24
C GLU A 204 12.78 -10.39 -9.54
N LEU A 205 13.22 -9.18 -9.92
CA LEU A 205 12.60 -7.98 -9.37
C LEU A 205 11.25 -7.67 -10.04
N GLU A 206 11.09 -8.03 -11.32
CA GLU A 206 9.89 -7.70 -12.10
C GLU A 206 9.47 -8.87 -12.99
N LEU A 207 9.17 -10.02 -12.38
CA LEU A 207 8.87 -11.22 -13.16
C LEU A 207 7.76 -10.99 -14.17
N HIS A 208 6.62 -10.48 -13.71
CA HIS A 208 5.46 -10.28 -14.58
C HIS A 208 5.78 -9.30 -15.71
N GLU A 209 6.36 -8.14 -15.38
CA GLU A 209 6.62 -7.13 -16.40
C GLU A 209 7.70 -7.58 -17.37
N ASN A 210 8.74 -8.26 -16.89
CA ASN A 210 9.76 -8.76 -17.80
C ASN A 210 9.15 -9.73 -18.81
N GLU A 211 8.26 -10.60 -18.35
CA GLU A 211 7.67 -11.57 -19.25
C GLU A 211 6.69 -10.92 -20.23
N LEU A 212 5.85 -9.97 -19.77
CA LEU A 212 5.00 -9.21 -20.67
C LEU A 212 5.83 -8.57 -21.78
N TRP A 213 6.84 -7.78 -21.38
CA TRP A 213 7.62 -7.06 -22.37
C TRP A 213 8.38 -8.00 -23.30
N SER A 214 8.83 -9.14 -22.78
CA SER A 214 9.59 -10.08 -23.60
C SER A 214 8.73 -10.72 -24.68
N LYS A 215 7.42 -10.86 -24.44
CA LYS A 215 6.54 -11.35 -25.49
C LYS A 215 6.57 -10.42 -26.71
N ALA A 216 6.63 -9.11 -26.45
CA ALA A 216 6.70 -8.15 -27.54
C ALA A 216 8.05 -8.20 -28.22
N CYS A 217 9.11 -8.33 -27.44
CA CYS A 217 10.48 -8.34 -27.94
C CYS A 217 11.40 -8.94 -26.89
N PRO A 218 12.19 -9.96 -27.24
CA PRO A 218 13.12 -10.53 -26.26
C PRO A 218 14.04 -9.48 -25.68
N VAL A 219 14.10 -9.43 -24.36
CA VAL A 219 15.00 -8.53 -23.64
C VAL A 219 15.88 -9.37 -22.73
N LEU A 220 17.04 -8.81 -22.40
CA LEU A 220 17.99 -9.47 -21.53
C LEU A 220 18.22 -8.57 -20.33
N THR A 221 17.69 -8.95 -19.19
CA THR A 221 18.02 -8.23 -17.98
C THR A 221 19.50 -8.49 -17.65
N ILE A 222 20.27 -7.43 -17.44
CA ILE A 222 21.69 -7.57 -17.16
C ILE A 222 22.10 -6.85 -15.86
N GLY A 223 21.12 -6.45 -15.06
CA GLY A 223 21.42 -5.73 -13.83
C GLY A 223 21.30 -6.60 -12.59
N PRO A 224 21.31 -6.00 -11.39
CA PRO A 224 21.53 -4.57 -11.16
C PRO A 224 22.99 -4.17 -11.36
N THR A 225 23.26 -2.91 -11.72
CA THR A 225 24.63 -2.45 -11.94
C THR A 225 25.30 -1.92 -10.67
N ILE A 226 24.85 -2.32 -9.50
CA ILE A 226 25.53 -1.93 -8.25
C ILE A 226 26.88 -2.64 -8.18
N PRO A 227 27.95 -1.99 -7.72
CA PRO A 227 29.29 -2.60 -7.79
C PRO A 227 29.35 -3.97 -7.13
N SER A 228 30.26 -4.81 -7.67
CA SER A 228 30.27 -6.23 -7.34
C SER A 228 30.60 -6.45 -5.86
N ILE A 229 31.44 -5.61 -5.28
CA ILE A 229 31.85 -5.79 -3.90
C ILE A 229 30.67 -5.77 -2.93
N TYR A 230 29.54 -5.15 -3.31
CA TYR A 230 28.37 -5.15 -2.44
C TYR A 230 27.43 -6.31 -2.71
N LEU A 231 27.64 -7.07 -3.78
CA LEU A 231 26.69 -8.14 -4.08
C LEU A 231 27.42 -9.46 -4.28
N ASP A 232 27.63 -9.86 -5.54
CA ASP A 232 28.21 -11.17 -5.84
C ASP A 232 29.67 -11.26 -5.41
N GLN A 233 30.37 -10.13 -5.36
CA GLN A 233 31.77 -10.06 -4.96
C GLN A 233 32.72 -10.84 -5.89
N ARG A 234 32.26 -11.18 -7.10
CA ARG A 234 33.15 -11.85 -8.04
C ARG A 234 34.16 -10.88 -8.66
N ILE A 235 33.83 -9.60 -8.77
CA ILE A 235 34.77 -8.63 -9.36
C ILE A 235 35.32 -7.78 -8.21
N LYS A 236 36.53 -8.11 -7.76
CA LYS A 236 37.05 -7.49 -6.55
C LYS A 236 37.53 -6.07 -6.78
N SER A 237 37.90 -5.72 -8.01
CA SER A 237 38.26 -4.35 -8.35
C SER A 237 37.07 -3.39 -8.49
N ASP A 238 35.83 -3.90 -8.48
CA ASP A 238 34.63 -3.09 -8.72
C ASP A 238 34.04 -2.68 -7.37
N THR A 239 34.51 -1.55 -6.84
CA THR A 239 34.28 -1.17 -5.44
C THR A 239 33.44 0.08 -5.27
N GLY A 240 33.04 0.73 -6.35
CA GLY A 240 32.19 1.90 -6.23
C GLY A 240 32.01 2.54 -7.59
N TYR A 241 31.25 3.63 -7.57
CA TYR A 241 31.06 4.47 -8.75
C TYR A 241 32.27 5.39 -8.90
N ASP A 242 32.99 5.28 -10.02
CA ASP A 242 34.23 6.05 -10.16
C ASP A 242 34.22 7.03 -11.33
N LEU A 243 33.04 7.37 -11.83
CA LEU A 243 32.89 8.50 -12.75
C LEU A 243 31.76 9.34 -12.19
N ASN A 244 32.09 10.49 -11.61
CA ASN A 244 31.09 11.38 -11.05
C ASN A 244 31.15 12.71 -11.77
N LEU A 245 29.98 13.24 -12.15
CA LEU A 245 29.90 14.56 -12.74
C LEU A 245 29.85 15.67 -11.70
N PHE A 246 29.93 15.34 -10.41
CA PHE A 246 29.81 16.30 -9.33
C PHE A 246 30.95 16.13 -8.35
N GLU A 247 31.45 17.24 -7.83
CA GLU A 247 32.55 17.23 -6.86
C GLU A 247 31.99 17.04 -5.45
N SER A 248 32.75 16.33 -4.62
CA SER A 248 32.41 16.09 -3.22
C SER A 248 33.64 16.39 -2.37
N LYS A 249 33.42 16.61 -1.08
CA LYS A 249 34.51 17.07 -0.23
C LYS A 249 35.47 15.92 0.09
N ASP A 250 35.60 14.97 -0.83
CA ASP A 250 36.42 13.75 -0.65
C ASP A 250 36.00 13.02 0.62
N ASP A 251 34.73 12.59 0.61
CA ASP A 251 33.97 12.42 1.86
C ASP A 251 34.13 11.04 2.50
N SER A 252 35.28 10.90 3.14
CA SER A 252 35.31 10.19 4.43
C SER A 252 34.60 11.02 5.48
N PHE A 253 34.59 12.36 5.28
CA PHE A 253 33.84 13.29 6.13
C PHE A 253 32.45 12.76 6.37
N CYS A 254 31.80 12.30 5.31
CA CYS A 254 30.42 11.87 5.40
C CYS A 254 30.31 10.51 6.10
N ILE A 255 31.17 9.56 5.75
CA ILE A 255 31.11 8.20 6.31
C ILE A 255 31.66 8.16 7.73
N ASN A 256 32.74 8.90 8.02
CA ASN A 256 33.21 9.03 9.40
C ASN A 256 32.11 9.53 10.30
N TRP A 257 31.36 10.53 9.84
CA TRP A 257 30.27 11.08 10.65
C TRP A 257 29.16 10.07 10.86
N LEU A 258 28.76 9.36 9.80
CA LEU A 258 27.70 8.37 9.96
C LEU A 258 28.09 7.30 10.99
N ASP A 259 29.38 7.02 11.12
CA ASP A 259 29.82 6.00 12.05
C ASP A 259 29.50 6.39 13.49
N THR A 260 29.69 7.66 13.82
CA THR A 260 29.40 8.17 15.17
C THR A 260 27.91 8.39 15.40
N ARG A 261 27.06 7.64 14.73
CA ARG A 261 25.62 7.79 14.94
C ARG A 261 25.00 6.43 15.28
N PRO A 262 23.95 6.42 16.09
CA PRO A 262 23.29 5.15 16.42
C PRO A 262 22.61 4.53 15.20
N GLN A 263 22.43 3.21 15.29
CA GLN A 263 21.91 2.43 14.17
C GLN A 263 20.47 2.80 13.83
N GLY A 264 20.17 2.90 12.54
CA GLY A 264 18.82 3.14 12.08
C GLY A 264 18.27 4.51 12.43
N SER A 265 19.13 5.45 12.82
CA SER A 265 18.73 6.73 13.37
C SER A 265 18.73 7.88 12.37
N VAL A 266 19.40 7.73 11.22
CA VAL A 266 19.63 8.84 10.30
C VAL A 266 18.70 8.73 9.10
N VAL A 267 18.06 9.85 8.75
CA VAL A 267 17.22 9.92 7.55
C VAL A 267 18.09 10.45 6.42
N TYR A 268 18.29 9.64 5.39
CA TYR A 268 19.07 10.07 4.23
C TYR A 268 18.13 10.67 3.19
N VAL A 269 18.46 11.87 2.72
CA VAL A 269 17.60 12.62 1.79
C VAL A 269 18.43 13.02 0.58
N ALA A 270 18.04 12.58 -0.62
CA ALA A 270 18.77 12.96 -1.84
C ALA A 270 17.85 12.88 -3.05
N PHE A 271 18.06 13.79 -4.00
CA PHE A 271 17.20 13.88 -5.19
C PHE A 271 17.97 13.66 -6.49
N GLY A 272 19.03 12.84 -6.44
CA GLY A 272 19.75 12.48 -7.65
C GLY A 272 20.52 13.65 -8.25
N SER A 273 20.71 13.60 -9.57
CA SER A 273 21.63 14.50 -10.25
C SER A 273 20.94 15.60 -11.05
N MET A 274 19.62 15.61 -11.10
CA MET A 274 18.90 16.34 -12.15
C MET A 274 17.71 17.11 -11.61
N ALA A 275 16.94 16.46 -10.73
CA ALA A 275 15.67 17.01 -10.31
C ALA A 275 15.88 18.30 -9.55
N GLN A 276 15.08 19.31 -9.87
CA GLN A 276 15.15 20.62 -9.23
C GLN A 276 13.86 20.87 -8.46
N LEU A 277 14.00 21.29 -7.20
CA LEU A 277 12.85 21.59 -6.35
C LEU A 277 12.71 23.10 -6.23
N THR A 278 11.46 23.56 -6.20
CA THR A 278 11.19 24.99 -6.13
C THR A 278 11.50 25.55 -4.75
N ASN A 279 11.62 26.89 -4.69
CA ASN A 279 11.68 27.63 -3.44
C ASN A 279 10.76 27.01 -2.39
N VAL A 280 9.48 26.92 -2.75
CA VAL A 280 8.45 26.49 -1.80
C VAL A 280 8.62 25.03 -1.43
N GLN A 281 8.97 24.18 -2.41
CA GLN A 281 9.15 22.77 -2.06
C GLN A 281 10.34 22.58 -1.12
N MET A 282 11.41 23.36 -1.33
CA MET A 282 12.55 23.31 -0.41
C MET A 282 12.19 23.76 0.99
N GLU A 283 11.21 24.68 1.13
CA GLU A 283 10.81 25.12 2.47
C GLU A 283 10.11 24.00 3.22
N GLU A 284 9.15 23.35 2.58
CA GLU A 284 8.43 22.27 3.23
C GLU A 284 9.37 21.13 3.61
N LEU A 285 10.23 20.73 2.67
CA LEU A 285 11.25 19.71 2.93
C LEU A 285 12.13 20.10 4.11
N ALA A 286 12.72 21.29 4.06
CA ALA A 286 13.65 21.69 5.12
C ALA A 286 12.97 21.67 6.48
N SER A 287 11.70 22.06 6.55
CA SER A 287 10.96 22.01 7.81
C SER A 287 10.61 20.58 8.20
N ALA A 288 10.28 19.76 7.20
CA ALA A 288 9.88 18.38 7.50
C ALA A 288 11.04 17.57 8.06
N VAL A 289 12.22 17.70 7.44
CA VAL A 289 13.35 16.85 7.84
C VAL A 289 14.01 17.31 9.14
N SER A 290 13.89 18.59 9.51
CA SER A 290 14.54 19.10 10.70
C SER A 290 13.95 18.54 12.00
N ASN A 291 12.88 17.76 11.91
CA ASN A 291 12.40 16.96 13.02
C ASN A 291 13.21 15.69 13.24
N PHE A 292 14.26 15.45 12.47
CA PHE A 292 14.98 14.18 12.54
C PHE A 292 16.49 14.41 12.57
N SER A 293 17.21 13.32 12.80
CA SER A 293 18.62 13.26 12.44
C SER A 293 18.68 12.91 10.95
N PHE A 294 19.24 13.81 10.14
CA PHE A 294 19.17 13.65 8.69
C PHE A 294 20.54 13.87 8.05
N LEU A 295 20.76 13.18 6.94
CA LEU A 295 21.88 13.47 6.04
C LEU A 295 21.26 13.80 4.69
N TRP A 296 21.44 15.04 4.25
CA TRP A 296 20.65 15.58 3.16
C TRP A 296 21.58 16.17 2.12
N VAL A 297 21.51 15.64 0.90
CA VAL A 297 22.22 16.19 -0.25
C VAL A 297 21.41 17.34 -0.85
N VAL A 298 21.97 18.53 -0.82
CA VAL A 298 21.43 19.71 -1.50
C VAL A 298 22.47 20.11 -2.52
N ARG A 299 22.20 19.85 -3.80
CA ARG A 299 23.18 20.15 -4.84
C ARG A 299 23.48 21.64 -4.85
N SER A 300 24.69 22.00 -5.28
CA SER A 300 25.15 23.39 -5.19
C SER A 300 24.16 24.34 -5.86
N SER A 301 23.65 23.95 -7.03
CA SER A 301 22.73 24.81 -7.78
C SER A 301 21.43 25.03 -7.04
N GLU A 302 21.10 24.19 -6.07
CA GLU A 302 19.81 24.24 -5.38
C GLU A 302 19.85 25.04 -4.08
N GLU A 303 21.03 25.36 -3.57
CA GLU A 303 21.16 25.92 -2.23
C GLU A 303 20.36 27.21 -2.04
N GLU A 304 20.37 28.09 -3.05
CA GLU A 304 19.69 29.39 -2.92
C GLU A 304 18.21 29.21 -2.59
N LYS A 305 17.62 28.08 -2.98
CA LYS A 305 16.21 27.81 -2.72
C LYS A 305 15.96 27.30 -1.31
N LEU A 306 17.01 27.09 -0.51
CA LEU A 306 16.83 26.78 0.90
C LEU A 306 16.27 27.99 1.64
N PRO A 307 15.49 27.79 2.71
CA PRO A 307 15.05 28.91 3.55
C PRO A 307 16.24 29.71 4.08
N SER A 308 16.03 31.00 4.30
CA SER A 308 17.15 31.87 4.69
C SER A 308 17.73 31.42 6.02
N GLY A 309 19.07 31.36 6.08
CA GLY A 309 19.76 30.94 7.29
C GLY A 309 19.60 29.47 7.65
N PHE A 310 19.40 28.59 6.66
CA PHE A 310 19.18 27.18 6.99
C PHE A 310 20.49 26.43 7.23
N LEU A 311 21.48 26.65 6.36
CA LEU A 311 22.75 25.93 6.50
C LEU A 311 23.42 26.23 7.84
N GLU A 312 23.26 27.45 8.34
CA GLU A 312 23.89 27.89 9.58
C GLU A 312 23.15 27.46 10.85
N THR A 313 21.99 26.84 10.74
CA THR A 313 21.23 26.43 11.92
C THR A 313 20.97 24.94 11.96
N VAL A 314 21.58 24.16 11.08
CA VAL A 314 21.58 22.70 11.21
C VAL A 314 22.42 22.32 12.43
N ASN A 315 21.84 21.51 13.32
CA ASN A 315 22.56 20.96 14.47
C ASN A 315 23.63 20.00 13.95
N LYS A 316 24.92 20.34 14.12
CA LYS A 316 25.96 19.47 13.59
C LYS A 316 26.08 18.16 14.36
N GLU A 317 25.62 18.13 15.62
CA GLU A 317 25.64 16.86 16.34
C GLU A 317 24.70 15.84 15.69
N LYS A 318 23.51 16.27 15.25
CA LYS A 318 22.49 15.34 14.75
C LYS A 318 22.37 15.27 13.24
N SER A 319 22.90 16.24 12.48
CA SER A 319 22.54 16.35 11.07
C SER A 319 23.68 16.94 10.24
N LEU A 320 23.62 16.68 8.93
CA LEU A 320 24.66 17.11 8.00
C LEU A 320 24.06 17.36 6.62
N VAL A 321 24.55 18.39 5.94
CA VAL A 321 24.09 18.76 4.60
C VAL A 321 25.30 18.72 3.68
N LEU A 322 25.19 17.95 2.59
CA LEU A 322 26.26 17.76 1.64
C LEU A 322 25.88 18.29 0.27
N LYS A 323 26.90 18.57 -0.55
CA LYS A 323 26.66 18.96 -1.95
C LYS A 323 26.48 17.75 -2.87
N TRP A 324 27.12 16.62 -2.53
CA TRP A 324 27.08 15.38 -3.30
C TRP A 324 27.59 14.27 -2.39
N SER A 325 26.89 13.14 -2.38
CA SER A 325 27.24 12.09 -1.43
C SER A 325 27.86 10.89 -2.12
N PRO A 326 28.68 10.13 -1.40
CA PRO A 326 29.02 8.76 -1.84
C PRO A 326 27.85 7.84 -1.55
N GLN A 327 26.83 7.91 -2.42
CA GLN A 327 25.53 7.36 -2.06
C GLN A 327 25.59 5.87 -1.76
N LEU A 328 26.46 5.12 -2.46
CA LEU A 328 26.56 3.68 -2.20
C LEU A 328 27.02 3.40 -0.77
N GLN A 329 28.06 4.10 -0.34
CA GLN A 329 28.57 3.89 1.01
C GLN A 329 27.56 4.35 2.06
N VAL A 330 26.82 5.43 1.78
CA VAL A 330 25.80 5.90 2.73
C VAL A 330 24.74 4.84 2.93
N LEU A 331 24.20 4.31 1.82
CA LEU A 331 23.10 3.36 1.88
C LEU A 331 23.51 2.01 2.46
N SER A 332 24.81 1.72 2.51
CA SER A 332 25.34 0.52 3.14
C SER A 332 25.65 0.71 4.62
N ASN A 333 25.93 1.95 5.04
CA ASN A 333 26.14 2.28 6.43
C ASN A 333 24.87 2.02 7.25
N LYS A 334 25.02 1.45 8.45
CA LYS A 334 23.80 1.06 9.18
C LYS A 334 23.26 2.17 10.06
N ALA A 335 23.86 3.37 10.01
CA ALA A 335 23.27 4.54 10.64
C ALA A 335 21.99 5.00 9.93
N ILE A 336 21.73 4.52 8.72
CA ILE A 336 20.62 5.02 7.91
C ILE A 336 19.35 4.26 8.28
N GLY A 337 18.34 5.00 8.72
CA GLY A 337 17.07 4.40 9.02
C GLY A 337 16.13 4.37 7.83
N CYS A 338 16.23 5.36 6.95
CA CYS A 338 15.38 5.35 5.76
C CYS A 338 15.96 6.32 4.74
N PHE A 339 15.41 6.27 3.53
CA PHE A 339 15.93 7.01 2.38
C PHE A 339 14.76 7.79 1.75
N LEU A 340 14.77 9.11 1.94
CA LEU A 340 13.82 9.98 1.24
C LEU A 340 14.40 10.29 -0.14
N THR A 341 13.73 9.79 -1.18
CA THR A 341 14.33 9.67 -2.50
C THR A 341 13.38 10.22 -3.55
N HIS A 342 13.95 10.71 -4.65
CA HIS A 342 13.12 11.09 -5.78
C HIS A 342 12.69 9.91 -6.61
N CYS A 343 13.10 8.68 -6.25
CA CYS A 343 12.74 7.46 -6.99
C CYS A 343 13.32 7.43 -8.40
N GLY A 344 14.52 7.98 -8.57
CA GLY A 344 15.32 7.61 -9.73
C GLY A 344 15.62 6.12 -9.73
N TRP A 345 15.76 5.54 -10.92
CA TRP A 345 15.86 4.08 -10.96
C TRP A 345 17.15 3.57 -10.31
N ASN A 346 18.30 4.25 -10.51
CA ASN A 346 19.52 3.78 -9.84
C ASN A 346 19.37 3.87 -8.32
N SER A 347 18.89 5.02 -7.82
CA SER A 347 18.68 5.16 -6.37
C SER A 347 17.73 4.11 -5.85
N THR A 348 16.67 3.82 -6.61
CA THR A 348 15.67 2.86 -6.17
C THR A 348 16.27 1.46 -6.08
N MET A 349 16.88 0.98 -7.17
CA MET A 349 17.52 -0.33 -7.13
C MET A 349 18.60 -0.38 -6.05
N GLU A 350 19.38 0.69 -5.90
CA GLU A 350 20.38 0.73 -4.84
C GLU A 350 19.71 0.54 -3.48
N ALA A 351 18.63 1.29 -3.22
CA ALA A 351 17.94 1.18 -1.94
C ALA A 351 17.37 -0.23 -1.74
N LEU A 352 16.80 -0.82 -2.78
CA LEU A 352 16.19 -2.14 -2.60
C LEU A 352 17.24 -3.16 -2.18
N THR A 353 18.44 -3.11 -2.80
CA THR A 353 19.43 -4.14 -2.54
C THR A 353 20.17 -3.93 -1.22
N PHE A 354 20.39 -2.68 -0.81
CA PHE A 354 20.96 -2.41 0.50
C PHE A 354 19.95 -2.55 1.64
N GLY A 355 18.70 -2.89 1.33
CA GLY A 355 17.67 -3.09 2.34
C GLY A 355 17.31 -1.86 3.16
N VAL A 356 17.27 -0.69 2.52
CA VAL A 356 16.89 0.55 3.19
C VAL A 356 15.45 0.87 2.78
N PRO A 357 14.53 1.04 3.71
CA PRO A 357 13.17 1.41 3.33
C PRO A 357 13.12 2.86 2.88
N MET A 358 12.13 3.17 2.04
CA MET A 358 12.11 4.45 1.33
C MET A 358 10.93 5.31 1.73
N VAL A 359 11.16 6.62 1.75
CA VAL A 359 10.09 7.59 1.60
C VAL A 359 10.17 8.10 0.16
N ALA A 360 9.16 7.75 -0.64
CA ALA A 360 9.16 8.03 -2.07
C ALA A 360 8.57 9.41 -2.34
N MET A 361 9.35 10.28 -2.96
CA MET A 361 8.93 11.63 -3.29
C MET A 361 9.23 11.89 -4.75
N PRO A 362 8.57 11.19 -5.66
CA PRO A 362 8.87 11.34 -7.08
C PRO A 362 8.57 12.75 -7.56
N GLN A 363 9.31 13.19 -8.57
CA GLN A 363 9.14 14.52 -9.16
C GLN A 363 8.63 14.50 -10.60
N TRP A 364 9.17 13.64 -11.47
CA TRP A 364 8.80 13.65 -12.89
C TRP A 364 9.37 12.41 -13.56
N THR A 365 9.24 12.34 -14.90
CA THR A 365 9.74 11.25 -15.79
C THR A 365 9.24 9.91 -15.24
N ASP A 366 10.07 8.89 -15.07
CA ASP A 366 9.59 7.58 -14.63
C ASP A 366 9.40 7.48 -13.12
N GLN A 367 9.75 8.54 -12.40
CA GLN A 367 9.80 8.44 -10.93
C GLN A 367 8.44 8.09 -10.29
N PRO A 368 7.29 8.60 -10.74
CA PRO A 368 6.02 8.14 -10.14
C PRO A 368 5.77 6.66 -10.33
N MET A 369 6.22 6.06 -11.44
CA MET A 369 6.11 4.61 -11.60
C MET A 369 6.93 3.87 -10.55
N ASN A 370 8.20 4.25 -10.41
CA ASN A 370 9.03 3.63 -9.40
C ASN A 370 8.41 3.79 -8.02
N ALA A 371 7.83 4.96 -7.74
CA ALA A 371 7.19 5.20 -6.44
C ALA A 371 6.04 4.23 -6.20
N LYS A 372 5.20 4.00 -7.23
CA LYS A 372 4.07 3.09 -7.07
C LYS A 372 4.55 1.69 -6.78
N TYR A 373 5.62 1.25 -7.46
CA TYR A 373 6.16 -0.07 -7.24
C TYR A 373 6.81 -0.17 -5.88
N ILE A 374 7.48 0.89 -5.44
CA ILE A 374 8.09 0.87 -4.11
C ILE A 374 7.03 0.64 -3.04
N GLN A 375 5.89 1.32 -3.16
CA GLN A 375 4.90 1.28 -2.08
C GLN A 375 3.99 0.06 -2.21
N ASP A 376 3.53 -0.25 -3.43
CA ASP A 376 2.42 -1.17 -3.60
C ASP A 376 2.79 -2.49 -4.29
N VAL A 377 4.00 -2.62 -4.80
CA VAL A 377 4.47 -3.88 -5.40
C VAL A 377 5.57 -4.52 -4.57
N TRP A 378 6.67 -3.78 -4.34
CA TRP A 378 7.73 -4.29 -3.47
C TRP A 378 7.46 -4.01 -2.00
N LYS A 379 6.53 -3.11 -1.68
CA LYS A 379 6.18 -2.76 -0.30
C LYS A 379 7.44 -2.45 0.52
N ALA A 380 8.36 -1.71 -0.09
CA ALA A 380 9.62 -1.32 0.54
C ALA A 380 9.61 0.13 1.02
N GLY A 381 8.47 0.81 1.00
CA GLY A 381 8.42 2.17 1.51
C GLY A 381 7.05 2.78 1.28
N VAL A 382 6.94 4.06 1.64
CA VAL A 382 5.67 4.78 1.54
C VAL A 382 5.85 6.04 0.71
N ARG A 383 4.86 6.34 -0.12
CA ARG A 383 4.89 7.52 -0.98
C ARG A 383 4.30 8.71 -0.23
N VAL A 384 4.96 9.86 -0.34
CA VAL A 384 4.42 11.06 0.29
C VAL A 384 3.20 11.54 -0.48
N LYS A 385 2.16 11.91 0.25
CA LYS A 385 0.95 12.45 -0.39
C LYS A 385 1.17 13.93 -0.70
N THR A 386 0.89 14.31 -1.94
CA THR A 386 1.00 15.71 -2.37
C THR A 386 -0.39 16.31 -2.55
N GLU A 387 -0.47 17.63 -2.36
CA GLU A 387 -1.73 18.32 -2.57
C GLU A 387 -2.23 18.12 -3.98
N LYS A 388 -3.53 17.94 -4.12
CA LYS A 388 -4.11 17.76 -5.46
C LYS A 388 -4.11 19.07 -6.23
N GLU A 389 -4.57 20.15 -5.60
CA GLU A 389 -4.70 21.44 -6.30
C GLU A 389 -3.39 22.18 -6.43
N SER A 390 -2.51 22.10 -5.42
CA SER A 390 -1.23 22.79 -5.49
C SER A 390 -0.07 21.90 -5.95
N GLY A 391 -0.20 20.57 -5.84
CA GLY A 391 0.72 19.64 -6.47
C GLY A 391 1.96 19.29 -5.66
N ILE A 392 2.15 19.92 -4.50
CA ILE A 392 3.42 19.85 -3.78
C ILE A 392 3.19 19.29 -2.38
N ALA A 393 4.16 18.51 -1.88
CA ALA A 393 4.04 17.81 -0.59
C ALA A 393 4.36 18.73 0.58
N LYS A 394 3.39 18.92 1.48
CA LYS A 394 3.57 19.85 2.59
C LYS A 394 4.33 19.19 3.74
N ARG A 395 4.87 20.04 4.63
CA ARG A 395 5.80 19.59 5.67
C ARG A 395 5.19 18.48 6.54
N GLU A 396 3.91 18.62 6.88
CA GLU A 396 3.26 17.65 7.77
C GLU A 396 3.07 16.29 7.11
N GLU A 397 2.90 16.26 5.79
CA GLU A 397 2.70 14.98 5.10
C GLU A 397 4.02 14.26 4.84
N ILE A 398 5.11 15.01 4.72
CA ILE A 398 6.44 14.44 4.61
C ILE A 398 6.91 13.89 5.96
N GLU A 399 6.75 14.71 7.02
CA GLU A 399 7.11 14.25 8.36
C GLU A 399 6.38 12.96 8.73
N PHE A 400 5.08 12.88 8.41
CA PHE A 400 4.30 11.68 8.71
C PHE A 400 4.77 10.47 7.90
N SER A 401 5.08 10.68 6.63
CA SER A 401 5.60 9.60 5.79
C SER A 401 6.90 9.05 6.34
N ILE A 402 7.82 9.93 6.75
CA ILE A 402 9.07 9.48 7.35
C ILE A 402 8.80 8.68 8.61
N LYS A 403 7.90 9.19 9.46
CA LYS A 403 7.52 8.45 10.68
C LYS A 403 7.03 7.05 10.34
N GLU A 404 6.14 6.94 9.35
CA GLU A 404 5.58 5.64 8.96
C GLU A 404 6.67 4.63 8.61
N VAL A 405 7.82 5.11 8.13
CA VAL A 405 8.92 4.21 7.76
C VAL A 405 9.88 4.01 8.92
N MET A 406 10.04 5.01 9.78
CA MET A 406 11.03 4.92 10.84
C MET A 406 10.56 4.12 12.07
N GLU A 407 9.26 4.03 12.33
CA GLU A 407 8.87 3.57 13.67
C GLU A 407 7.72 2.57 13.74
N GLY A 408 6.62 2.83 13.04
CA GLY A 408 5.38 2.13 13.32
C GLY A 408 5.31 0.63 13.05
N GLU A 409 4.09 0.10 13.01
CA GLU A 409 3.87 -1.29 12.62
C GLU A 409 4.02 -1.46 11.11
N ARG A 410 3.59 -0.45 10.34
CA ARG A 410 3.95 -0.38 8.94
C ARG A 410 5.46 -0.45 8.76
N SER A 411 6.21 0.22 9.66
CA SER A 411 7.66 0.27 9.54
C SER A 411 8.29 -1.10 9.66
N LYS A 412 7.80 -1.93 10.58
CA LYS A 412 8.45 -3.21 10.81
C LYS A 412 8.04 -4.26 9.76
N GLU A 413 7.03 -3.98 8.93
CA GLU A 413 6.71 -4.82 7.77
C GLU A 413 7.61 -4.50 6.59
N MET A 414 7.87 -3.22 6.33
CA MET A 414 8.62 -2.80 5.16
C MET A 414 10.11 -3.07 5.31
N LYS A 415 10.61 -3.11 6.55
CA LYS A 415 11.99 -3.58 6.75
C LYS A 415 12.12 -5.04 6.33
N LYS A 416 11.18 -5.89 6.76
CA LYS A 416 11.23 -7.32 6.47
C LYS A 416 11.29 -7.59 4.97
N ASN A 417 10.41 -6.94 4.21
CA ASN A 417 10.29 -7.25 2.78
C ASN A 417 11.47 -6.70 1.99
N VAL A 418 12.04 -5.57 2.42
CA VAL A 418 13.10 -4.95 1.63
C VAL A 418 14.42 -5.72 1.69
N LYS A 419 14.60 -6.64 2.65
CA LYS A 419 15.87 -7.34 2.75
C LYS A 419 15.95 -8.60 1.87
N LYS A 420 14.83 -9.06 1.31
CA LYS A 420 14.81 -10.23 0.44
C LYS A 420 15.36 -9.95 -0.95
N TRP A 421 15.56 -8.67 -1.32
CA TRP A 421 15.99 -8.35 -2.68
C TRP A 421 17.50 -8.48 -2.85
N ARG A 422 18.27 -8.25 -1.79
CA ARG A 422 19.72 -8.38 -1.88
C ARG A 422 20.13 -9.78 -2.34
N ASP A 423 19.63 -10.82 -1.67
CA ASP A 423 20.03 -12.18 -2.00
C ASP A 423 19.51 -12.58 -3.38
N LEU A 424 18.31 -12.13 -3.75
CA LEU A 424 17.79 -12.40 -5.08
C LEU A 424 18.71 -11.82 -6.15
N ALA A 425 19.22 -10.61 -5.93
CA ALA A 425 20.16 -10.00 -6.86
C ALA A 425 21.50 -10.72 -6.84
N VAL A 426 22.01 -11.06 -5.65
CA VAL A 426 23.26 -11.82 -5.58
C VAL A 426 23.13 -13.13 -6.34
N LYS A 427 22.02 -13.84 -6.14
CA LYS A 427 21.79 -15.07 -6.89
C LYS A 427 21.77 -14.81 -8.39
N SER A 428 21.11 -13.73 -8.82
CA SER A 428 21.04 -13.43 -10.26
C SER A 428 22.41 -13.09 -10.84
N LEU A 429 23.30 -12.48 -10.04
CA LEU A 429 24.64 -12.12 -10.49
C LEU A 429 25.63 -13.26 -10.40
N ASN A 430 25.42 -14.21 -9.49
CA ASN A 430 26.35 -15.32 -9.35
C ASN A 430 26.20 -16.28 -10.53
N GLU A 431 27.16 -17.21 -10.63
CA GLU A 431 27.12 -18.15 -11.74
C GLU A 431 25.83 -18.94 -11.70
N GLY A 432 25.22 -19.15 -12.88
CA GLY A 432 23.91 -19.74 -12.96
C GLY A 432 22.75 -18.78 -12.74
N GLY A 433 23.02 -17.54 -12.34
CA GLY A 433 21.94 -16.59 -12.15
C GLY A 433 21.31 -16.14 -13.46
N SER A 434 20.11 -15.57 -13.33
CA SER A 434 19.41 -14.98 -14.47
C SER A 434 20.28 -13.95 -15.18
N THR A 435 20.85 -12.99 -14.44
CA THR A 435 21.59 -11.92 -15.07
C THR A 435 22.96 -12.38 -15.57
N ASP A 436 23.61 -13.30 -14.84
CA ASP A 436 24.87 -13.85 -15.31
C ASP A 436 24.70 -14.57 -16.65
N THR A 437 23.64 -15.37 -16.79
CA THR A 437 23.41 -16.10 -18.02
C THR A 437 23.17 -15.13 -19.19
N ASN A 438 22.36 -14.09 -18.95
CA ASN A 438 22.07 -13.11 -20.01
C ASN A 438 23.32 -12.35 -20.44
N ILE A 439 24.14 -11.94 -19.48
CA ILE A 439 25.40 -11.30 -19.83
C ILE A 439 26.26 -12.24 -20.67
N ASP A 440 26.33 -13.52 -20.27
CA ASP A 440 27.11 -14.51 -21.03
C ASP A 440 26.58 -14.63 -22.46
N THR A 441 25.25 -14.62 -22.63
CA THR A 441 24.64 -14.64 -23.96
C THR A 441 25.12 -13.46 -24.80
N PHE A 442 25.07 -12.25 -24.23
CA PHE A 442 25.52 -11.06 -24.96
C PHE A 442 27.00 -11.18 -25.31
N VAL A 443 27.83 -11.59 -24.34
CA VAL A 443 29.26 -11.69 -24.61
C VAL A 443 29.52 -12.70 -25.73
N SER A 444 28.74 -13.78 -25.76
CA SER A 444 28.92 -14.81 -26.78
C SER A 444 28.62 -14.26 -28.17
N ARG A 445 27.54 -13.49 -28.31
CA ARG A 445 27.23 -12.92 -29.62
C ARG A 445 28.31 -11.94 -30.06
N VAL A 446 28.71 -11.02 -29.17
CA VAL A 446 29.66 -9.96 -29.53
C VAL A 446 30.96 -10.54 -30.08
N GLN A 447 31.49 -11.55 -29.42
CA GLN A 447 32.57 -12.30 -30.06
C GLN A 447 32.04 -13.59 -30.67
N LYS B 4 -23.03 -15.00 -16.50
CA LYS B 4 -24.49 -14.95 -16.40
C LYS B 4 -25.05 -16.28 -15.92
N ARG B 5 -24.23 -17.02 -15.16
CA ARG B 5 -24.63 -18.31 -14.62
C ARG B 5 -24.79 -18.31 -13.10
N GLY B 6 -24.13 -17.41 -12.39
CA GLY B 6 -23.99 -17.53 -10.94
C GLY B 6 -25.10 -16.84 -10.15
N HIS B 7 -25.49 -17.49 -9.04
CA HIS B 7 -26.52 -17.03 -8.12
C HIS B 7 -26.11 -17.42 -6.70
N VAL B 8 -25.76 -16.43 -5.89
CA VAL B 8 -25.28 -16.67 -4.53
C VAL B 8 -26.42 -16.50 -3.55
N LEU B 9 -26.64 -17.50 -2.68
CA LEU B 9 -27.49 -17.34 -1.50
C LEU B 9 -26.61 -16.96 -0.30
N ALA B 10 -26.86 -15.78 0.28
CA ALA B 10 -26.05 -15.26 1.36
C ALA B 10 -26.79 -15.38 2.69
N VAL B 11 -26.14 -15.98 3.69
CA VAL B 11 -26.80 -16.27 4.96
C VAL B 11 -26.04 -15.64 6.12
N PRO B 12 -26.42 -14.45 6.58
CA PRO B 12 -25.79 -13.86 7.76
C PRO B 12 -26.33 -14.46 9.05
N TYR B 13 -25.48 -14.42 10.09
CA TYR B 13 -25.99 -14.51 11.44
C TYR B 13 -27.02 -13.40 11.65
N PRO B 14 -28.14 -13.66 12.35
CA PRO B 14 -29.26 -12.70 12.42
C PRO B 14 -29.06 -11.61 13.46
N ALA B 15 -28.03 -10.80 13.25
CA ALA B 15 -27.77 -9.63 14.07
C ALA B 15 -27.29 -8.53 13.14
N GLN B 16 -27.44 -7.28 13.61
CA GLN B 16 -27.17 -6.11 12.76
C GLN B 16 -25.75 -6.11 12.24
N GLY B 17 -24.78 -6.35 13.13
CA GLY B 17 -23.38 -6.29 12.72
C GLY B 17 -22.94 -7.40 11.79
N HIS B 18 -23.82 -8.37 11.53
CA HIS B 18 -23.58 -9.42 10.55
C HIS B 18 -24.43 -9.26 9.30
N ILE B 19 -25.70 -8.86 9.44
CA ILE B 19 -26.55 -8.64 8.27
C ILE B 19 -25.98 -7.51 7.40
N THR B 20 -25.43 -6.47 8.05
CA THR B 20 -24.97 -5.29 7.30
C THR B 20 -23.80 -5.61 6.36
N PRO B 21 -22.68 -6.18 6.82
CA PRO B 21 -21.61 -6.51 5.86
C PRO B 21 -22.06 -7.47 4.78
N PHE B 22 -22.96 -8.40 5.12
CA PHE B 22 -23.46 -9.36 4.14
C PHE B 22 -24.24 -8.64 3.05
N ARG B 23 -25.13 -7.73 3.44
CA ARG B 23 -25.86 -6.93 2.45
C ARG B 23 -24.90 -6.07 1.64
N GLN B 24 -23.92 -5.44 2.28
CA GLN B 24 -22.99 -4.59 1.54
C GLN B 24 -22.17 -5.41 0.57
N PHE B 25 -21.84 -6.65 0.94
CA PHE B 25 -21.08 -7.51 0.05
C PHE B 25 -21.93 -7.97 -1.14
N CYS B 26 -23.22 -8.21 -0.94
CA CYS B 26 -24.10 -8.54 -2.07
C CYS B 26 -24.20 -7.39 -3.06
N LYS B 27 -24.22 -6.14 -2.57
CA LYS B 27 -24.21 -5.00 -3.47
C LYS B 27 -22.98 -5.03 -4.38
N ARG B 28 -21.80 -5.36 -3.83
CA ARG B 28 -20.60 -5.49 -4.66
C ARG B 28 -20.76 -6.63 -5.65
N LEU B 29 -21.24 -7.79 -5.20
CA LEU B 29 -21.40 -8.92 -6.10
C LEU B 29 -22.37 -8.57 -7.24
N HIS B 30 -23.46 -7.88 -6.91
CA HIS B 30 -24.39 -7.45 -7.93
C HIS B 30 -23.72 -6.50 -8.92
N PHE B 31 -22.90 -5.58 -8.40
CA PHE B 31 -22.15 -4.70 -9.28
C PHE B 31 -21.29 -5.49 -10.26
N LYS B 32 -20.76 -6.63 -9.84
CA LYS B 32 -19.90 -7.44 -10.71
C LYS B 32 -20.69 -8.34 -11.64
N GLY B 33 -22.02 -8.33 -11.58
CA GLY B 33 -22.86 -9.14 -12.45
C GLY B 33 -23.31 -10.46 -11.86
N LEU B 34 -23.20 -10.64 -10.55
CA LEU B 34 -23.57 -11.87 -9.86
C LEU B 34 -24.91 -11.66 -9.15
N LYS B 35 -25.90 -12.47 -9.50
CA LYS B 35 -27.18 -12.43 -8.80
C LYS B 35 -27.02 -12.93 -7.36
N THR B 36 -27.69 -12.26 -6.41
CA THR B 36 -27.68 -12.67 -5.02
C THR B 36 -29.10 -12.72 -4.47
N THR B 37 -29.30 -13.64 -3.52
CA THR B 37 -30.47 -13.67 -2.66
C THR B 37 -29.96 -13.66 -1.22
N LEU B 38 -30.48 -12.75 -0.41
CA LEU B 38 -30.09 -12.64 0.99
C LEU B 38 -31.12 -13.40 1.84
N ALA B 39 -30.64 -14.36 2.62
CA ALA B 39 -31.51 -15.22 3.42
C ALA B 39 -31.63 -14.64 4.82
N LEU B 40 -32.81 -14.11 5.16
CA LEU B 40 -33.06 -13.54 6.48
C LEU B 40 -34.03 -14.41 7.27
N THR B 41 -33.84 -14.47 8.59
CA THR B 41 -34.85 -15.12 9.41
C THR B 41 -36.15 -14.33 9.35
N THR B 42 -37.27 -15.04 9.51
CA THR B 42 -38.59 -14.40 9.45
C THR B 42 -38.71 -13.29 10.51
N PHE B 43 -38.18 -13.52 11.71
CA PHE B 43 -38.26 -12.51 12.76
C PHE B 43 -37.54 -11.22 12.36
N VAL B 44 -36.31 -11.35 11.84
CA VAL B 44 -35.56 -10.20 11.34
C VAL B 44 -36.31 -9.55 10.17
N PHE B 45 -36.76 -10.36 9.21
CA PHE B 45 -37.41 -9.80 8.04
C PHE B 45 -38.59 -8.92 8.41
N ASN B 46 -39.38 -9.33 9.39
CA ASN B 46 -40.58 -8.58 9.74
C ASN B 46 -40.30 -7.42 10.70
N SER B 47 -39.06 -7.31 11.20
CA SER B 47 -38.60 -6.18 11.99
C SER B 47 -37.88 -5.11 11.18
N ILE B 48 -37.52 -5.38 9.93
CA ILE B 48 -36.89 -4.37 9.08
C ILE B 48 -37.95 -3.36 8.65
N ASN B 49 -37.55 -2.09 8.59
CA ASN B 49 -38.43 -1.03 8.12
C ASN B 49 -37.90 -0.51 6.79
N PRO B 50 -38.24 -1.14 5.67
CA PRO B 50 -37.41 -1.00 4.46
C PRO B 50 -37.68 0.30 3.72
N ASP B 51 -36.60 1.03 3.44
CA ASP B 51 -36.39 1.66 2.12
C ASP B 51 -35.02 1.19 1.68
N LEU B 52 -34.93 0.65 0.47
CA LEU B 52 -33.95 -0.39 0.21
C LEU B 52 -32.64 0.09 -0.39
N SER B 53 -32.60 1.25 -1.04
CA SER B 53 -31.35 1.81 -1.57
C SER B 53 -30.60 0.79 -2.44
N GLY B 54 -31.25 0.36 -3.52
CA GLY B 54 -30.64 -0.52 -4.48
C GLY B 54 -31.49 -1.74 -4.80
N PRO B 55 -30.95 -2.64 -5.62
CA PRO B 55 -31.66 -3.90 -5.88
C PRO B 55 -31.47 -4.88 -4.74
N ILE B 56 -32.55 -5.61 -4.42
CA ILE B 56 -32.47 -6.68 -3.42
C ILE B 56 -33.37 -7.83 -3.85
N SER B 57 -32.98 -9.01 -3.37
CA SER B 57 -33.83 -10.19 -3.39
C SER B 57 -33.68 -10.84 -2.03
N ILE B 58 -34.78 -11.07 -1.33
CA ILE B 58 -34.75 -11.64 0.01
C ILE B 58 -35.57 -12.92 0.02
N ALA B 59 -35.06 -13.95 0.69
CA ALA B 59 -35.83 -15.14 1.01
C ALA B 59 -35.77 -15.32 2.52
N THR B 60 -36.88 -15.75 3.12
CA THR B 60 -36.92 -15.90 4.57
C THR B 60 -36.62 -17.34 4.95
N ILE B 61 -35.94 -17.49 6.07
CA ILE B 61 -35.65 -18.79 6.67
C ILE B 61 -36.13 -18.71 8.10
N SER B 62 -35.89 -19.77 8.87
CA SER B 62 -36.34 -19.81 10.25
C SER B 62 -35.19 -20.18 11.16
N ASP B 63 -35.10 -19.51 12.30
CA ASP B 63 -34.22 -19.99 13.36
C ASP B 63 -35.00 -20.77 14.40
N GLY B 64 -36.30 -20.97 14.19
CA GLY B 64 -37.15 -21.60 15.16
C GLY B 64 -37.85 -20.65 16.10
N TYR B 65 -37.67 -19.35 15.92
CA TYR B 65 -38.26 -18.33 16.79
C TYR B 65 -38.86 -17.21 15.95
N ASP B 66 -39.75 -17.58 15.03
CA ASP B 66 -40.30 -16.57 14.12
C ASP B 66 -41.08 -15.50 14.86
N HIS B 67 -41.70 -15.83 16.00
CA HIS B 67 -42.54 -14.85 16.68
C HIS B 67 -41.73 -13.93 17.58
N GLY B 68 -40.79 -14.49 18.36
CA GLY B 68 -40.10 -13.70 19.36
C GLY B 68 -38.62 -13.49 19.12
N GLY B 69 -38.06 -14.17 18.13
CA GLY B 69 -36.63 -14.00 17.98
C GLY B 69 -35.86 -14.54 19.18
N PHE B 70 -34.61 -14.10 19.31
CA PHE B 70 -33.71 -14.68 20.30
C PHE B 70 -34.27 -14.64 21.71
N GLU B 71 -35.06 -13.61 22.06
CA GLU B 71 -35.45 -13.41 23.45
C GLU B 71 -36.40 -14.49 23.96
N THR B 72 -37.12 -15.19 23.08
CA THR B 72 -38.02 -16.27 23.51
C THR B 72 -37.33 -17.63 23.58
N ALA B 73 -36.01 -17.69 23.38
CA ALA B 73 -35.28 -18.92 23.63
C ALA B 73 -35.01 -19.08 25.13
N ASP B 74 -34.84 -20.34 25.55
CA ASP B 74 -34.52 -20.62 26.95
C ASP B 74 -33.08 -20.27 27.29
N SER B 75 -32.18 -20.41 26.33
CA SER B 75 -30.75 -20.23 26.58
C SER B 75 -30.07 -19.98 25.25
N ILE B 76 -28.82 -19.51 25.32
CA ILE B 76 -28.05 -19.29 24.09
C ILE B 76 -27.80 -20.60 23.38
N ASP B 77 -27.46 -21.65 24.14
CA ASP B 77 -27.17 -22.95 23.54
C ASP B 77 -28.39 -23.49 22.80
N ASP B 78 -29.58 -23.28 23.34
CA ASP B 78 -30.79 -23.77 22.68
C ASP B 78 -31.08 -22.97 21.41
N TYR B 79 -30.83 -21.66 21.44
CA TYR B 79 -31.06 -20.85 20.25
C TYR B 79 -30.18 -21.34 19.11
N LEU B 80 -28.88 -21.53 19.36
CA LEU B 80 -27.96 -21.97 18.32
C LEU B 80 -28.35 -23.34 17.76
N LYS B 81 -28.75 -24.27 18.64
CA LYS B 81 -29.07 -25.63 18.20
C LYS B 81 -30.36 -25.67 17.38
N ASP B 82 -31.39 -24.93 17.79
CA ASP B 82 -32.59 -24.86 16.97
C ASP B 82 -32.34 -24.14 15.66
N PHE B 83 -31.46 -23.13 15.65
CA PHE B 83 -31.11 -22.46 14.41
C PHE B 83 -30.41 -23.42 13.44
N LYS B 84 -29.51 -24.26 13.96
CA LYS B 84 -28.90 -25.26 13.09
C LYS B 84 -29.96 -26.17 12.48
N THR B 85 -30.94 -26.60 13.28
CA THR B 85 -31.90 -27.57 12.77
C THR B 85 -32.95 -26.89 11.87
N SER B 86 -33.61 -25.83 12.35
CA SER B 86 -34.59 -25.12 11.53
C SER B 86 -33.95 -24.44 10.34
N GLY B 87 -32.77 -23.85 10.53
CA GLY B 87 -32.12 -23.16 9.43
C GLY B 87 -31.58 -24.10 8.36
N SER B 88 -31.09 -25.26 8.75
CA SER B 88 -30.67 -26.24 7.76
C SER B 88 -31.84 -26.64 6.86
N LYS B 89 -33.02 -26.86 7.43
CA LYS B 89 -34.14 -27.30 6.59
C LYS B 89 -34.66 -26.16 5.72
N THR B 90 -34.79 -24.94 6.27
CA THR B 90 -35.32 -23.83 5.46
C THR B 90 -34.32 -23.29 4.46
N ILE B 91 -33.01 -23.43 4.71
CA ILE B 91 -32.05 -23.07 3.66
C ILE B 91 -32.15 -24.04 2.48
N ALA B 92 -32.33 -25.33 2.77
CA ALA B 92 -32.50 -26.32 1.70
C ALA B 92 -33.76 -26.02 0.88
N ASP B 93 -34.82 -25.55 1.53
CA ASP B 93 -36.06 -25.18 0.83
C ASP B 93 -35.78 -24.19 -0.28
N ILE B 94 -35.06 -23.11 0.03
CA ILE B 94 -34.74 -22.10 -0.96
C ILE B 94 -33.96 -22.69 -2.12
N ILE B 95 -32.97 -23.55 -1.84
CA ILE B 95 -32.16 -24.12 -2.92
C ILE B 95 -33.01 -25.06 -3.77
N GLN B 96 -33.81 -25.91 -3.13
CA GLN B 96 -34.70 -26.81 -3.85
C GLN B 96 -35.61 -26.04 -4.78
N LYS B 97 -36.33 -25.05 -4.23
CA LYS B 97 -37.29 -24.30 -5.04
C LYS B 97 -36.62 -23.63 -6.22
N HIS B 98 -35.46 -23.01 -6.02
CA HIS B 98 -34.82 -22.30 -7.12
C HIS B 98 -34.25 -23.23 -8.18
N GLN B 99 -34.19 -24.54 -7.91
CA GLN B 99 -33.68 -25.46 -8.94
C GLN B 99 -34.52 -25.40 -10.20
N THR B 100 -35.81 -25.10 -10.06
CA THR B 100 -36.69 -24.93 -11.22
C THR B 100 -36.36 -23.67 -12.01
N SER B 101 -36.07 -22.57 -11.32
CA SER B 101 -36.01 -21.23 -11.91
C SER B 101 -34.94 -21.08 -13.00
N ASP B 102 -34.86 -19.90 -13.59
CA ASP B 102 -33.89 -19.64 -14.63
C ASP B 102 -32.47 -19.57 -14.08
N ASN B 103 -32.30 -19.05 -12.86
CA ASN B 103 -30.99 -18.96 -12.21
C ASN B 103 -31.06 -19.72 -10.89
N PRO B 104 -30.83 -21.03 -10.89
CA PRO B 104 -30.74 -21.75 -9.62
C PRO B 104 -29.52 -21.31 -8.84
N ILE B 105 -29.56 -21.56 -7.53
CA ILE B 105 -28.46 -21.17 -6.66
C ILE B 105 -27.23 -22.00 -7.01
N THR B 106 -26.09 -21.33 -7.16
CA THR B 106 -24.83 -21.97 -7.47
C THR B 106 -23.83 -21.95 -6.31
N CYS B 107 -24.11 -21.20 -5.25
CA CYS B 107 -23.12 -21.00 -4.19
C CYS B 107 -23.79 -20.45 -2.93
N ILE B 108 -23.30 -20.89 -1.78
CA ILE B 108 -23.76 -20.39 -0.48
C ILE B 108 -22.62 -19.61 0.17
N VAL B 109 -22.83 -18.33 0.42
CA VAL B 109 -21.97 -17.55 1.29
C VAL B 109 -22.68 -17.48 2.63
N TYR B 110 -22.14 -18.20 3.62
CA TYR B 110 -22.76 -18.34 4.92
C TYR B 110 -21.84 -17.77 5.99
N ASP B 111 -22.44 -17.15 7.01
CA ASP B 111 -21.67 -16.62 8.15
C ASP B 111 -20.80 -17.72 8.74
N ALA B 112 -19.54 -17.39 9.02
CA ALA B 112 -18.64 -18.37 9.61
C ALA B 112 -19.19 -18.94 10.91
N PHE B 113 -20.06 -18.17 11.60
CA PHE B 113 -20.72 -18.64 12.82
C PHE B 113 -21.61 -19.85 12.58
N LEU B 114 -21.93 -20.14 11.32
CA LEU B 114 -22.96 -21.12 10.96
C LEU B 114 -22.36 -22.23 10.11
N PRO B 115 -21.41 -22.99 10.66
CA PRO B 115 -20.70 -23.96 9.82
C PRO B 115 -21.58 -25.08 9.32
N TRP B 116 -22.77 -25.29 9.91
CA TRP B 116 -23.70 -26.28 9.38
C TRP B 116 -24.18 -25.94 7.98
N ALA B 117 -23.95 -24.72 7.51
CA ALA B 117 -24.41 -24.34 6.19
C ALA B 117 -23.54 -24.92 5.09
N LEU B 118 -22.31 -25.30 5.39
CA LEU B 118 -21.49 -26.00 4.40
C LEU B 118 -22.04 -27.39 4.13
N ASP B 119 -22.57 -28.05 5.18
CA ASP B 119 -23.18 -29.37 5.00
C ASP B 119 -24.33 -29.31 4.02
N VAL B 120 -25.20 -28.31 4.18
CA VAL B 120 -26.28 -28.10 3.22
C VAL B 120 -25.73 -27.82 1.83
N ALA B 121 -24.67 -27.01 1.76
CA ALA B 121 -24.12 -26.63 0.46
C ALA B 121 -23.52 -27.83 -0.26
N ARG B 122 -22.76 -28.66 0.46
CA ARG B 122 -22.23 -29.88 -0.15
C ARG B 122 -23.37 -30.80 -0.59
N GLU B 123 -24.43 -30.87 0.22
CA GLU B 123 -25.58 -31.72 -0.05
C GLU B 123 -26.23 -31.41 -1.40
N PHE B 124 -26.04 -30.20 -1.93
CA PHE B 124 -26.65 -29.83 -3.20
C PHE B 124 -25.59 -29.53 -4.27
N GLY B 125 -24.34 -29.89 -4.02
CA GLY B 125 -23.30 -29.72 -5.02
C GLY B 125 -22.94 -28.28 -5.30
N LEU B 126 -22.95 -27.43 -4.27
CA LEU B 126 -22.77 -25.99 -4.45
C LEU B 126 -21.42 -25.54 -3.87
N VAL B 127 -20.87 -24.51 -4.49
CA VAL B 127 -19.72 -23.82 -3.91
C VAL B 127 -20.12 -23.31 -2.53
N ALA B 128 -19.22 -23.50 -1.55
CA ALA B 128 -19.47 -23.12 -0.17
C ALA B 128 -18.31 -22.27 0.34
N THR B 129 -18.60 -21.06 0.80
CA THR B 129 -17.57 -20.19 1.33
C THR B 129 -18.05 -19.51 2.60
N PRO B 130 -17.37 -19.74 3.74
CA PRO B 130 -17.74 -19.01 4.95
C PRO B 130 -17.31 -17.55 4.84
N PHE B 131 -18.01 -16.70 5.59
CA PHE B 131 -17.81 -15.26 5.57
C PHE B 131 -17.57 -14.79 7.00
N PHE B 132 -16.34 -14.35 7.29
CA PHE B 132 -15.99 -13.87 8.63
C PHE B 132 -16.22 -12.37 8.70
N THR B 133 -17.10 -11.95 9.61
CA THR B 133 -17.41 -10.54 9.77
C THR B 133 -16.46 -9.83 10.75
N GLN B 134 -15.36 -10.46 11.13
CA GLN B 134 -14.42 -9.97 12.13
C GLN B 134 -13.02 -9.99 11.54
N PRO B 135 -12.07 -9.25 12.12
CA PRO B 135 -10.78 -9.05 11.44
C PRO B 135 -9.92 -10.31 11.51
N CYS B 136 -8.87 -10.29 10.66
CA CYS B 136 -7.94 -11.41 10.55
C CYS B 136 -7.26 -11.74 11.88
N ALA B 137 -6.81 -10.73 12.62
CA ALA B 137 -6.11 -10.99 13.88
C ALA B 137 -6.99 -11.76 14.84
N VAL B 138 -8.28 -11.39 14.92
CA VAL B 138 -9.22 -12.10 15.78
C VAL B 138 -9.41 -13.54 15.29
N ASN B 139 -9.68 -13.71 13.99
CA ASN B 139 -9.96 -15.05 13.48
C ASN B 139 -8.75 -15.97 13.64
N TYR B 140 -7.55 -15.45 13.39
CA TYR B 140 -6.33 -16.25 13.54
C TYR B 140 -6.17 -16.79 14.96
N VAL B 141 -6.37 -15.93 15.97
CA VAL B 141 -6.36 -16.38 17.36
C VAL B 141 -7.37 -17.50 17.59
N TYR B 142 -8.57 -17.37 17.01
CA TYR B 142 -9.56 -18.43 17.16
C TYR B 142 -9.13 -19.69 16.42
N TYR B 143 -8.48 -19.52 15.27
CA TYR B 143 -7.96 -20.66 14.55
C TYR B 143 -6.92 -21.40 15.39
N LEU B 144 -5.92 -20.66 15.91
CA LEU B 144 -4.87 -21.30 16.71
C LEU B 144 -5.47 -22.07 17.88
N SER B 145 -6.55 -21.55 18.47
CA SER B 145 -7.19 -22.26 19.58
C SER B 145 -7.88 -23.53 19.11
N TYR B 146 -8.38 -23.54 17.87
CA TYR B 146 -9.13 -24.70 17.39
C TYR B 146 -8.21 -25.88 17.14
N ILE B 147 -7.05 -25.64 16.55
CA ILE B 147 -6.12 -26.72 16.23
C ILE B 147 -5.31 -27.06 17.47
N ASN B 148 -5.76 -26.57 18.63
CA ASN B 148 -5.12 -26.84 19.92
C ASN B 148 -6.16 -27.20 20.98
N ASN B 149 -7.28 -27.79 20.56
CA ASN B 149 -8.29 -28.38 21.45
C ASN B 149 -8.95 -27.35 22.36
N GLY B 150 -9.11 -26.11 21.89
CA GLY B 150 -9.90 -25.13 22.61
C GLY B 150 -9.18 -24.31 23.66
N SER B 151 -7.86 -24.43 23.75
CA SER B 151 -7.09 -23.60 24.67
C SER B 151 -6.03 -22.84 23.89
N LEU B 152 -5.71 -21.66 24.38
CA LEU B 152 -4.64 -20.85 23.81
C LEU B 152 -3.51 -20.80 24.83
N GLN B 153 -2.27 -20.75 24.34
CA GLN B 153 -1.11 -20.56 25.20
C GLN B 153 -0.47 -19.23 24.86
N LEU B 154 -0.34 -18.37 25.85
CA LEU B 154 0.39 -17.12 25.68
C LEU B 154 1.86 -17.35 26.02
N PRO B 155 2.77 -16.69 25.28
CA PRO B 155 2.41 -15.80 24.19
C PRO B 155 2.17 -16.52 22.85
N ILE B 156 1.55 -15.81 21.91
CA ILE B 156 1.35 -16.33 20.56
C ILE B 156 2.66 -16.15 19.80
N GLU B 157 3.24 -17.27 19.36
CA GLU B 157 4.59 -17.26 18.80
C GLU B 157 4.78 -16.22 17.72
N GLU B 158 3.78 -16.06 16.84
CA GLU B 158 3.89 -15.14 15.73
C GLU B 158 3.36 -13.75 16.04
N LEU B 159 2.71 -13.56 17.19
CA LEU B 159 2.20 -12.25 17.61
C LEU B 159 2.49 -12.06 19.09
N PRO B 160 3.77 -11.95 19.45
CA PRO B 160 4.15 -12.02 20.88
C PRO B 160 3.86 -10.76 21.68
N PHE B 161 3.21 -9.75 21.08
CA PHE B 161 2.92 -8.52 21.81
C PHE B 161 1.55 -8.56 22.50
N LEU B 162 0.70 -9.51 22.14
CA LEU B 162 -0.62 -9.62 22.75
C LEU B 162 -0.53 -10.19 24.16
N GLU B 163 -1.39 -9.67 25.04
CA GLU B 163 -1.52 -10.07 26.43
C GLU B 163 -2.90 -10.68 26.64
N LEU B 164 -3.11 -11.23 27.84
CA LEU B 164 -4.41 -11.80 28.17
C LEU B 164 -5.52 -10.77 28.03
N GLN B 165 -5.25 -9.52 28.42
CA GLN B 165 -6.28 -8.50 28.40
C GLN B 165 -6.58 -8.00 27.00
N ASP B 166 -5.77 -8.40 26.01
CA ASP B 166 -6.02 -8.08 24.61
C ASP B 166 -6.90 -9.12 23.90
N LEU B 167 -7.08 -10.30 24.47
CA LEU B 167 -7.73 -11.42 23.78
C LEU B 167 -9.24 -11.27 23.80
N PRO B 168 -9.95 -12.03 22.96
CA PRO B 168 -11.40 -12.11 23.10
C PRO B 168 -11.82 -12.46 24.52
N SER B 169 -12.96 -11.90 24.94
CA SER B 169 -13.35 -11.91 26.34
C SER B 169 -13.60 -13.32 26.84
N PHE B 170 -13.92 -14.26 25.94
CA PHE B 170 -14.09 -15.65 26.34
C PHE B 170 -12.82 -16.20 27.00
N PHE B 171 -11.65 -15.66 26.66
CA PHE B 171 -10.41 -16.11 27.27
C PHE B 171 -10.15 -15.45 28.63
N SER B 172 -10.45 -14.16 28.77
CA SER B 172 -10.08 -13.40 29.95
C SER B 172 -11.16 -13.37 31.02
N VAL B 173 -12.40 -13.68 30.67
CA VAL B 173 -13.47 -13.82 31.65
C VAL B 173 -13.77 -15.31 31.74
N SER B 174 -13.21 -15.95 32.77
CA SER B 174 -13.19 -17.41 32.81
C SER B 174 -14.61 -17.96 32.79
N GLY B 175 -14.86 -18.89 31.85
CA GLY B 175 -16.15 -19.57 31.80
C GLY B 175 -17.31 -18.76 31.28
N SER B 176 -17.07 -17.58 30.69
CA SER B 176 -18.16 -16.78 30.18
C SER B 176 -18.67 -17.34 28.85
N TYR B 177 -19.99 -17.19 28.63
CA TYR B 177 -20.65 -17.48 27.36
C TYR B 177 -20.12 -18.76 26.72
N PRO B 178 -20.28 -19.92 27.36
CA PRO B 178 -19.66 -21.13 26.79
C PRO B 178 -20.23 -21.53 25.44
N ALA B 179 -21.54 -21.33 25.21
CA ALA B 179 -22.09 -21.67 23.90
C ALA B 179 -21.53 -20.77 22.81
N TYR B 180 -21.42 -19.46 23.07
CA TYR B 180 -20.84 -18.58 22.07
C TYR B 180 -19.36 -18.85 21.84
N PHE B 181 -18.64 -19.33 22.87
CA PHE B 181 -17.22 -19.61 22.71
C PHE B 181 -16.98 -20.85 21.87
N GLU B 182 -17.82 -21.88 22.06
CA GLU B 182 -17.81 -23.00 21.12
C GLU B 182 -18.10 -22.53 19.70
N MET B 183 -19.01 -21.55 19.57
CA MET B 183 -19.41 -21.09 18.25
C MET B 183 -18.26 -20.45 17.50
N VAL B 184 -17.53 -19.52 18.15
CA VAL B 184 -16.44 -18.86 17.45
C VAL B 184 -15.31 -19.85 17.21
N LEU B 185 -15.14 -20.82 18.10
CA LEU B 185 -14.13 -21.84 17.88
C LEU B 185 -14.54 -22.76 16.74
N GLN B 186 -15.81 -23.15 16.71
CA GLN B 186 -16.25 -24.09 15.69
C GLN B 186 -16.44 -23.44 14.32
N GLN B 187 -16.12 -22.15 14.18
CA GLN B 187 -16.03 -21.54 12.86
C GLN B 187 -15.06 -22.28 11.95
N PHE B 188 -14.19 -23.12 12.49
CA PHE B 188 -13.15 -23.79 11.72
C PHE B 188 -13.32 -25.31 11.68
N ILE B 189 -14.49 -25.83 12.09
CA ILE B 189 -14.64 -27.29 12.12
C ILE B 189 -14.64 -27.89 10.72
N ASN B 190 -15.02 -27.12 9.70
CA ASN B 190 -14.99 -27.65 8.34
C ASN B 190 -14.38 -26.69 7.34
N PHE B 191 -13.59 -25.70 7.80
CA PHE B 191 -12.96 -24.75 6.88
C PHE B 191 -12.20 -25.47 5.78
N GLU B 192 -11.64 -26.65 6.08
CA GLU B 192 -10.84 -27.39 5.12
C GLU B 192 -11.63 -27.69 3.85
N LYS B 193 -12.91 -28.05 3.99
CA LYS B 193 -13.75 -28.47 2.87
C LYS B 193 -14.40 -27.31 2.13
N ALA B 194 -14.01 -26.07 2.43
CA ALA B 194 -14.61 -24.91 1.79
C ALA B 194 -13.76 -24.45 0.60
N ASP B 195 -14.41 -23.74 -0.32
CA ASP B 195 -13.72 -23.25 -1.50
C ASP B 195 -12.82 -22.07 -1.15
N PHE B 196 -13.40 -21.00 -0.61
CA PHE B 196 -12.66 -19.85 -0.13
C PHE B 196 -13.09 -19.51 1.28
N VAL B 197 -12.32 -18.62 1.91
CA VAL B 197 -12.68 -18.00 3.17
C VAL B 197 -12.71 -16.50 2.92
N LEU B 198 -13.88 -15.87 3.12
CA LEU B 198 -14.02 -14.44 2.94
C LEU B 198 -13.96 -13.75 4.30
N VAL B 199 -13.40 -12.54 4.32
CA VAL B 199 -13.28 -11.81 5.57
C VAL B 199 -13.48 -10.32 5.30
N ASN B 200 -14.26 -9.66 6.18
CA ASN B 200 -14.58 -8.25 6.00
C ASN B 200 -13.45 -7.39 6.57
N SER B 201 -12.36 -7.38 5.81
CA SER B 201 -11.21 -6.54 6.12
C SER B 201 -10.55 -6.20 4.80
N PHE B 202 -9.50 -5.39 4.84
CA PHE B 202 -8.66 -5.21 3.67
C PHE B 202 -7.20 -5.37 4.07
N GLN B 203 -6.39 -5.84 3.12
CA GLN B 203 -5.08 -6.40 3.46
C GLN B 203 -4.17 -5.38 4.11
N GLU B 204 -4.21 -4.12 3.65
CA GLU B 204 -3.32 -3.12 4.23
C GLU B 204 -3.66 -2.78 5.67
N LEU B 205 -4.84 -3.19 6.16
CA LEU B 205 -5.20 -2.93 7.54
C LEU B 205 -4.49 -3.86 8.52
N GLU B 206 -4.26 -5.11 8.13
CA GLU B 206 -3.60 -6.08 9.00
C GLU B 206 -2.76 -6.97 8.09
N LEU B 207 -1.73 -6.37 7.49
CA LEU B 207 -0.84 -7.10 6.59
C LEU B 207 -0.31 -8.36 7.25
N HIS B 208 0.40 -8.19 8.37
CA HIS B 208 1.03 -9.32 9.07
C HIS B 208 0.01 -10.43 9.36
N GLU B 209 -1.11 -10.07 9.99
CA GLU B 209 -2.06 -11.09 10.41
C GLU B 209 -2.73 -11.77 9.21
N ASN B 210 -3.03 -11.01 8.15
CA ASN B 210 -3.57 -11.65 6.96
C ASN B 210 -2.58 -12.66 6.40
N GLU B 211 -1.29 -12.31 6.39
CA GLU B 211 -0.27 -13.22 5.86
C GLU B 211 -0.15 -14.48 6.71
N LEU B 212 -0.24 -14.34 8.04
CA LEU B 212 -0.17 -15.52 8.90
C LEU B 212 -1.38 -16.41 8.71
N TRP B 213 -2.58 -15.83 8.71
CA TRP B 213 -3.79 -16.65 8.57
C TRP B 213 -3.82 -17.35 7.21
N SER B 214 -3.36 -16.66 6.16
CA SER B 214 -3.34 -17.24 4.82
C SER B 214 -2.53 -18.52 4.74
N LYS B 215 -1.47 -18.64 5.58
CA LYS B 215 -0.64 -19.84 5.53
C LYS B 215 -1.45 -21.09 5.83
N ALA B 216 -2.56 -20.96 6.57
CA ALA B 216 -3.36 -22.13 6.92
C ALA B 216 -4.71 -22.18 6.22
N CYS B 217 -5.17 -21.08 5.64
CA CYS B 217 -6.49 -20.95 5.07
C CYS B 217 -6.41 -20.14 3.78
N PRO B 218 -7.25 -20.42 2.81
CA PRO B 218 -7.28 -19.57 1.62
C PRO B 218 -8.13 -18.33 1.84
N VAL B 219 -7.57 -17.28 2.42
CA VAL B 219 -8.40 -16.14 2.84
C VAL B 219 -8.42 -15.11 1.73
N LEU B 220 -9.60 -14.53 1.49
CA LEU B 220 -9.81 -13.42 0.56
C LEU B 220 -10.42 -12.28 1.36
N THR B 221 -9.68 -11.20 1.54
CA THR B 221 -10.23 -9.99 2.12
C THR B 221 -11.10 -9.31 1.08
N ILE B 222 -12.36 -9.05 1.42
CA ILE B 222 -13.28 -8.43 0.49
C ILE B 222 -13.83 -7.12 1.02
N GLY B 223 -13.21 -6.57 2.06
CA GLY B 223 -13.72 -5.38 2.69
C GLY B 223 -12.92 -4.17 2.32
N PRO B 224 -13.23 -3.02 2.90
CA PRO B 224 -14.29 -2.84 3.90
C PRO B 224 -15.67 -2.75 3.25
N THR B 225 -16.70 -3.16 3.98
CA THR B 225 -18.08 -3.10 3.50
C THR B 225 -18.73 -1.72 3.70
N ILE B 226 -17.95 -0.64 3.81
CA ILE B 226 -18.52 0.71 3.95
C ILE B 226 -19.20 1.07 2.64
N PRO B 227 -20.34 1.76 2.64
CA PRO B 227 -21.02 2.04 1.36
C PRO B 227 -20.12 2.78 0.37
N SER B 228 -20.26 2.38 -0.89
CA SER B 228 -19.43 2.88 -2.01
C SER B 228 -19.38 4.41 -2.08
N ILE B 229 -20.50 5.09 -1.78
CA ILE B 229 -20.54 6.55 -1.91
C ILE B 229 -19.48 7.22 -1.03
N TYR B 230 -19.07 6.58 0.06
CA TYR B 230 -18.08 7.17 0.94
C TYR B 230 -16.64 6.86 0.53
N LEU B 231 -16.46 5.94 -0.41
CA LEU B 231 -15.13 5.48 -0.78
C LEU B 231 -14.94 5.49 -2.31
N ASP B 232 -14.93 4.31 -2.92
CA ASP B 232 -14.61 4.18 -4.34
C ASP B 232 -15.63 4.89 -5.24
N GLN B 233 -16.86 5.04 -4.77
CA GLN B 233 -17.96 5.66 -5.52
C GLN B 233 -18.22 4.96 -6.86
N ARG B 234 -17.85 3.68 -6.97
CA ARG B 234 -18.09 2.90 -8.18
C ARG B 234 -19.51 2.37 -8.28
N ILE B 235 -20.25 2.27 -7.18
CA ILE B 235 -21.64 1.82 -7.17
C ILE B 235 -22.48 3.01 -6.75
N LYS B 236 -23.22 3.58 -7.71
CA LYS B 236 -23.93 4.82 -7.46
C LYS B 236 -25.14 4.63 -6.55
N SER B 237 -25.73 3.43 -6.54
CA SER B 237 -26.88 3.22 -5.68
C SER B 237 -26.51 2.95 -4.23
N ASP B 238 -25.24 2.70 -3.93
CA ASP B 238 -24.82 2.26 -2.60
C ASP B 238 -24.49 3.49 -1.76
N THR B 239 -25.54 4.06 -1.17
CA THR B 239 -25.44 5.35 -0.50
C THR B 239 -25.49 5.25 1.02
N GLY B 240 -25.73 4.07 1.56
CA GLY B 240 -25.94 3.93 2.99
C GLY B 240 -26.24 2.49 3.31
N TYR B 241 -26.32 2.22 4.61
CA TYR B 241 -26.79 0.93 5.11
C TYR B 241 -28.32 0.92 5.02
N ASP B 242 -28.88 -0.16 4.47
CA ASP B 242 -30.28 -0.17 4.03
C ASP B 242 -31.12 -1.28 4.68
N LEU B 243 -30.59 -2.04 5.65
CA LEU B 243 -31.32 -3.11 6.34
C LEU B 243 -31.15 -2.89 7.84
N ASN B 244 -31.94 -1.98 8.40
CA ASN B 244 -31.82 -1.59 9.79
C ASN B 244 -32.91 -2.26 10.61
N LEU B 245 -32.50 -3.01 11.64
CA LEU B 245 -33.43 -3.60 12.60
C LEU B 245 -33.97 -2.58 13.58
N PHE B 246 -33.28 -1.44 13.73
CA PHE B 246 -33.70 -0.35 14.59
C PHE B 246 -34.13 0.83 13.73
N GLU B 247 -35.09 1.59 14.22
CA GLU B 247 -35.63 2.72 13.47
C GLU B 247 -34.90 3.99 13.89
N SER B 248 -34.45 4.75 12.89
CA SER B 248 -33.84 6.06 13.08
C SER B 248 -34.74 7.06 12.38
N LYS B 249 -35.79 7.48 13.09
CA LYS B 249 -36.71 8.49 12.58
C LYS B 249 -36.21 9.91 12.82
N ASP B 250 -35.27 10.09 13.75
CA ASP B 250 -34.52 11.34 13.88
C ASP B 250 -33.31 11.38 12.94
N ASP B 251 -33.39 10.72 11.77
CA ASP B 251 -32.27 10.70 10.85
C ASP B 251 -31.89 12.13 10.45
N SER B 252 -32.87 12.90 10.00
CA SER B 252 -32.60 14.29 9.64
C SER B 252 -32.24 15.13 10.87
N PHE B 253 -33.00 14.97 11.95
CA PHE B 253 -32.78 15.82 13.13
C PHE B 253 -31.34 15.76 13.60
N CYS B 254 -30.82 14.54 13.79
CA CYS B 254 -29.46 14.32 14.26
C CYS B 254 -28.43 15.09 13.44
N ILE B 255 -28.44 14.88 12.12
CA ILE B 255 -27.39 15.48 11.27
C ILE B 255 -27.55 17.00 11.20
N ASN B 256 -28.78 17.51 11.25
CA ASN B 256 -28.97 18.96 11.28
C ASN B 256 -28.35 19.57 12.53
N TRP B 257 -28.52 18.93 13.68
CA TRP B 257 -27.91 19.42 14.91
C TRP B 257 -26.38 19.41 14.84
N LEU B 258 -25.79 18.41 14.17
CA LEU B 258 -24.34 18.37 14.10
C LEU B 258 -23.78 19.52 13.26
N ASP B 259 -24.51 19.97 12.25
CA ASP B 259 -23.98 21.01 11.37
C ASP B 259 -23.92 22.38 12.05
N THR B 260 -24.58 22.54 13.19
CA THR B 260 -24.51 23.77 13.98
C THR B 260 -23.34 23.79 14.95
N ARG B 261 -22.79 22.62 15.31
CA ARG B 261 -21.71 22.55 16.28
C ARG B 261 -20.35 22.83 15.61
N PRO B 262 -19.41 23.42 16.34
CA PRO B 262 -18.10 23.70 15.76
C PRO B 262 -17.30 22.43 15.47
N GLN B 263 -16.33 22.57 14.57
CA GLN B 263 -15.60 21.42 14.04
C GLN B 263 -14.88 20.66 15.15
N GLY B 264 -14.99 19.34 15.13
CA GLY B 264 -14.30 18.49 16.07
C GLY B 264 -14.63 18.73 17.52
N SER B 265 -15.82 19.25 17.81
CA SER B 265 -16.17 19.62 19.17
C SER B 265 -17.12 18.64 19.85
N VAL B 266 -17.55 17.59 19.15
CA VAL B 266 -18.59 16.69 19.65
C VAL B 266 -17.97 15.31 19.87
N VAL B 267 -18.18 14.76 21.06
CA VAL B 267 -17.83 13.39 21.38
C VAL B 267 -19.03 12.51 21.01
N TYR B 268 -18.86 11.68 19.99
CA TYR B 268 -19.87 10.68 19.64
C TYR B 268 -19.62 9.43 20.46
N VAL B 269 -20.67 8.91 21.10
CA VAL B 269 -20.57 7.71 21.94
C VAL B 269 -21.68 6.74 21.55
N ALA B 270 -21.31 5.49 21.28
CA ALA B 270 -22.30 4.50 20.89
C ALA B 270 -21.72 3.12 21.12
N PHE B 271 -22.59 2.16 21.44
CA PHE B 271 -22.15 0.83 21.83
C PHE B 271 -22.76 -0.26 20.95
N GLY B 272 -23.04 0.05 19.68
CA GLY B 272 -23.50 -0.97 18.76
C GLY B 272 -24.93 -1.41 19.01
N SER B 273 -25.23 -2.64 18.57
CA SER B 273 -26.60 -3.13 18.56
C SER B 273 -26.95 -4.13 19.67
N MET B 274 -25.97 -4.67 20.38
CA MET B 274 -26.24 -5.73 21.36
C MET B 274 -25.67 -5.48 22.74
N ALA B 275 -24.62 -4.67 22.87
CA ALA B 275 -23.95 -4.49 24.15
C ALA B 275 -24.87 -3.81 25.16
N GLN B 276 -25.01 -4.44 26.33
CA GLN B 276 -25.85 -3.93 27.41
C GLN B 276 -24.95 -3.48 28.56
N LEU B 277 -25.09 -2.22 28.97
CA LEU B 277 -24.30 -1.68 30.07
C LEU B 277 -25.12 -1.68 31.36
N THR B 278 -24.44 -1.80 32.50
CA THR B 278 -25.11 -1.85 33.79
C THR B 278 -25.52 -0.45 34.26
N ASN B 279 -26.44 -0.42 35.24
CA ASN B 279 -26.85 0.83 35.87
C ASN B 279 -25.64 1.61 36.34
N VAL B 280 -24.65 0.92 36.91
CA VAL B 280 -23.47 1.60 37.46
C VAL B 280 -22.57 2.13 36.33
N GLN B 281 -22.38 1.33 35.28
CA GLN B 281 -21.53 1.79 34.18
C GLN B 281 -22.18 2.98 33.47
N MET B 282 -23.51 2.98 33.39
CA MET B 282 -24.23 4.12 32.80
C MET B 282 -24.07 5.39 33.62
N GLU B 283 -24.10 5.27 34.95
CA GLU B 283 -23.87 6.42 35.81
C GLU B 283 -22.47 6.98 35.59
N GLU B 284 -21.46 6.10 35.58
CA GLU B 284 -20.10 6.53 35.30
C GLU B 284 -20.00 7.16 33.91
N LEU B 285 -20.64 6.55 32.92
CA LEU B 285 -20.60 7.08 31.56
C LEU B 285 -21.32 8.43 31.47
N ALA B 286 -22.53 8.51 32.05
CA ALA B 286 -23.28 9.77 32.04
C ALA B 286 -22.49 10.90 32.69
N SER B 287 -21.85 10.62 33.83
CA SER B 287 -21.06 11.65 34.50
C SER B 287 -19.90 12.11 33.61
N ALA B 288 -19.18 11.17 33.01
CA ALA B 288 -17.99 11.55 32.25
C ALA B 288 -18.37 12.31 30.98
N VAL B 289 -19.46 11.92 30.32
CA VAL B 289 -19.75 12.52 29.03
C VAL B 289 -20.32 13.92 29.16
N SER B 290 -20.93 14.25 30.30
CA SER B 290 -21.55 15.55 30.53
C SER B 290 -20.54 16.68 30.71
N ASN B 291 -19.24 16.37 30.75
CA ASN B 291 -18.21 17.38 30.73
C ASN B 291 -17.85 17.80 29.30
N PHE B 292 -18.59 17.32 28.31
CA PHE B 292 -18.30 17.56 26.91
C PHE B 292 -19.60 17.80 26.15
N SER B 293 -19.47 18.37 24.96
CA SER B 293 -20.54 18.35 23.98
C SER B 293 -20.57 16.96 23.36
N PHE B 294 -21.71 16.27 23.49
CA PHE B 294 -21.74 14.85 23.14
C PHE B 294 -23.01 14.48 22.38
N LEU B 295 -22.88 13.44 21.55
CA LEU B 295 -23.99 12.79 20.86
C LEU B 295 -23.99 11.32 21.26
N TRP B 296 -24.94 10.92 22.11
CA TRP B 296 -24.93 9.61 22.76
C TRP B 296 -26.12 8.78 22.30
N VAL B 297 -25.85 7.57 21.82
CA VAL B 297 -26.90 6.62 21.46
C VAL B 297 -27.15 5.71 22.65
N VAL B 298 -28.37 5.77 23.18
CA VAL B 298 -28.84 4.84 24.21
C VAL B 298 -30.05 4.14 23.60
N ARG B 299 -29.92 2.84 23.35
CA ARG B 299 -31.00 2.10 22.72
C ARG B 299 -32.21 2.05 23.65
N SER B 300 -33.41 1.94 23.05
CA SER B 300 -34.65 1.99 23.81
C SER B 300 -34.63 1.04 25.00
N SER B 301 -34.14 -0.18 24.80
CA SER B 301 -34.11 -1.18 25.85
C SER B 301 -33.16 -0.81 26.99
N GLU B 302 -32.29 0.18 26.79
CA GLU B 302 -31.27 0.57 27.76
C GLU B 302 -31.53 1.88 28.47
N GLU B 303 -32.57 2.65 28.07
CA GLU B 303 -32.82 3.95 28.69
C GLU B 303 -33.13 3.82 30.18
N GLU B 304 -33.73 2.70 30.60
CA GLU B 304 -34.09 2.49 32.01
C GLU B 304 -32.91 2.67 32.95
N LYS B 305 -31.72 2.28 32.51
CA LYS B 305 -30.54 2.24 33.36
C LYS B 305 -29.81 3.58 33.44
N LEU B 306 -30.25 4.61 32.72
CA LEU B 306 -29.66 5.91 32.92
C LEU B 306 -30.05 6.43 34.30
N PRO B 307 -29.24 7.33 34.89
CA PRO B 307 -29.65 7.93 36.17
C PRO B 307 -31.03 8.56 36.03
N SER B 308 -31.86 8.39 37.06
CA SER B 308 -33.22 8.90 37.02
C SER B 308 -33.20 10.42 36.82
N GLY B 309 -33.89 10.88 35.77
CA GLY B 309 -33.90 12.28 35.43
C GLY B 309 -32.69 12.78 34.65
N PHE B 310 -31.95 11.90 33.97
CA PHE B 310 -30.77 12.36 33.26
C PHE B 310 -31.11 13.06 31.94
N LEU B 311 -32.05 12.51 31.18
CA LEU B 311 -32.40 13.09 29.88
C LEU B 311 -32.85 14.54 29.99
N GLU B 312 -33.29 14.96 31.17
CA GLU B 312 -33.77 16.31 31.44
C GLU B 312 -32.71 17.17 32.13
N THR B 313 -31.46 16.72 32.11
CA THR B 313 -30.32 17.54 32.52
C THR B 313 -29.42 17.90 31.35
N VAL B 314 -29.66 17.32 30.17
CA VAL B 314 -28.79 17.53 29.02
C VAL B 314 -28.99 18.94 28.50
N ASN B 315 -27.90 19.71 28.46
CA ASN B 315 -28.00 21.04 27.87
C ASN B 315 -28.18 20.88 26.38
N LYS B 316 -29.43 20.84 25.93
CA LYS B 316 -29.67 20.64 24.49
C LYS B 316 -29.40 21.97 23.79
N GLU B 317 -28.17 22.41 23.93
CA GLU B 317 -27.44 23.20 22.97
C GLU B 317 -26.06 22.63 22.70
N LYS B 318 -25.48 21.91 23.66
CA LYS B 318 -24.22 21.21 23.54
C LYS B 318 -24.39 19.71 23.27
N SER B 319 -25.56 19.13 23.57
CA SER B 319 -25.63 17.67 23.66
C SER B 319 -27.02 17.16 23.28
N LEU B 320 -27.04 15.93 22.77
CA LEU B 320 -28.24 15.27 22.27
C LEU B 320 -28.11 13.76 22.49
N VAL B 321 -29.23 13.12 22.85
CA VAL B 321 -29.28 11.68 23.09
C VAL B 321 -30.31 11.05 22.14
N LEU B 322 -29.88 10.04 21.37
CA LEU B 322 -30.71 9.34 20.39
C LEU B 322 -30.94 7.88 20.80
N LYS B 323 -31.95 7.28 20.17
CA LYS B 323 -32.22 5.86 20.32
C LYS B 323 -31.38 5.02 19.35
N TRP B 324 -31.02 5.60 18.21
CA TRP B 324 -30.27 4.92 17.16
C TRP B 324 -29.86 6.00 16.19
N SER B 325 -28.62 5.94 15.75
CA SER B 325 -28.04 6.99 14.93
C SER B 325 -27.88 6.54 13.49
N PRO B 326 -27.83 7.49 12.54
CA PRO B 326 -27.27 7.19 11.21
C PRO B 326 -25.76 7.25 11.30
N GLN B 327 -25.16 6.13 11.72
CA GLN B 327 -23.78 6.19 12.22
C GLN B 327 -22.80 6.60 11.13
N LEU B 328 -23.03 6.16 9.90
CA LEU B 328 -22.14 6.53 8.81
C LEU B 328 -22.14 8.04 8.60
N GLN B 329 -23.31 8.66 8.63
CA GLN B 329 -23.39 10.11 8.44
C GLN B 329 -22.82 10.86 9.64
N VAL B 330 -23.05 10.33 10.86
CA VAL B 330 -22.43 10.92 12.06
C VAL B 330 -20.91 10.93 11.92
N LEU B 331 -20.32 9.76 11.63
CA LEU B 331 -18.87 9.64 11.60
C LEU B 331 -18.24 10.43 10.46
N SER B 332 -18.98 10.70 9.39
CA SER B 332 -18.45 11.48 8.28
C SER B 332 -18.60 12.99 8.48
N ASN B 333 -19.16 13.41 9.62
CA ASN B 333 -19.50 14.81 9.87
C ASN B 333 -18.41 15.48 10.71
N LYS B 334 -17.96 16.66 10.25
CA LYS B 334 -16.81 17.34 10.83
C LYS B 334 -17.05 17.84 12.25
N ALA B 335 -18.26 17.75 12.78
CA ALA B 335 -18.47 18.15 14.16
C ALA B 335 -17.92 17.15 15.17
N ILE B 336 -17.60 15.94 14.72
CA ILE B 336 -17.18 14.86 15.61
C ILE B 336 -15.69 14.99 15.90
N GLY B 337 -15.35 15.10 17.19
CA GLY B 337 -13.97 15.17 17.59
C GLY B 337 -13.39 13.82 17.92
N CYS B 338 -14.20 12.94 18.51
CA CYS B 338 -13.73 11.59 18.77
C CYS B 338 -14.92 10.66 19.03
N PHE B 339 -14.65 9.36 18.98
CA PHE B 339 -15.66 8.31 18.97
C PHE B 339 -15.42 7.40 20.17
N LEU B 340 -16.30 7.48 21.17
CA LEU B 340 -16.28 6.57 22.32
C LEU B 340 -17.06 5.32 21.92
N THR B 341 -16.35 4.23 21.68
CA THR B 341 -16.89 3.07 20.95
C THR B 341 -16.69 1.79 21.75
N HIS B 342 -17.65 0.88 21.61
CA HIS B 342 -17.49 -0.46 22.19
C HIS B 342 -16.48 -1.30 21.40
N CYS B 343 -15.99 -0.82 20.26
CA CYS B 343 -15.00 -1.51 19.44
C CYS B 343 -15.57 -2.73 18.72
N GLY B 344 -16.88 -2.75 18.43
CA GLY B 344 -17.39 -3.67 17.43
C GLY B 344 -16.66 -3.46 16.11
N TRP B 345 -16.49 -4.51 15.29
CA TRP B 345 -15.60 -4.38 14.13
C TRP B 345 -16.15 -3.43 13.06
N ASN B 346 -17.46 -3.49 12.78
CA ASN B 346 -18.01 -2.53 11.82
C ASN B 346 -17.77 -1.10 12.28
N SER B 347 -18.08 -0.80 13.54
CA SER B 347 -17.86 0.54 14.08
C SER B 347 -16.39 0.94 14.04
N THR B 348 -15.49 -0.01 14.33
CA THR B 348 -14.06 0.28 14.30
C THR B 348 -13.60 0.62 12.90
N MET B 349 -13.98 -0.21 11.92
CA MET B 349 -13.54 0.00 10.54
C MET B 349 -14.18 1.25 9.96
N GLU B 350 -15.40 1.56 10.37
CA GLU B 350 -16.05 2.81 9.96
C GLU B 350 -15.28 4.02 10.48
N ALA B 351 -14.95 4.01 11.78
CA ALA B 351 -14.19 5.10 12.36
C ALA B 351 -12.83 5.26 11.69
N LEU B 352 -12.11 4.15 11.51
CA LEU B 352 -10.80 4.18 10.84
C LEU B 352 -10.91 4.82 9.46
N THR B 353 -11.84 4.33 8.65
CA THR B 353 -11.99 4.84 7.28
C THR B 353 -12.36 6.33 7.27
N PHE B 354 -13.24 6.76 8.18
CA PHE B 354 -13.63 8.16 8.19
C PHE B 354 -12.61 9.07 8.86
N GLY B 355 -11.56 8.53 9.47
CA GLY B 355 -10.59 9.38 10.15
C GLY B 355 -11.04 9.99 11.46
N VAL B 356 -11.73 9.21 12.30
CA VAL B 356 -12.20 9.69 13.59
C VAL B 356 -11.43 8.92 14.66
N PRO B 357 -10.60 9.57 15.47
CA PRO B 357 -9.88 8.86 16.53
C PRO B 357 -10.81 8.45 17.66
N MET B 358 -10.41 7.40 18.38
CA MET B 358 -11.34 6.67 19.24
C MET B 358 -10.92 6.62 20.70
N VAL B 359 -11.93 6.60 21.58
CA VAL B 359 -11.78 6.15 22.95
C VAL B 359 -12.37 4.74 23.01
N ALA B 360 -11.52 3.72 23.14
CA ALA B 360 -11.96 2.33 23.07
C ALA B 360 -12.47 1.86 24.43
N MET B 361 -13.74 1.43 24.47
CA MET B 361 -14.35 0.91 25.70
C MET B 361 -14.95 -0.47 25.43
N PRO B 362 -14.09 -1.48 25.18
CA PRO B 362 -14.62 -2.79 24.78
C PRO B 362 -15.42 -3.43 25.90
N GLN B 363 -16.43 -4.22 25.53
CA GLN B 363 -17.27 -4.90 26.52
C GLN B 363 -17.08 -6.41 26.55
N TRP B 364 -17.08 -7.09 25.41
CA TRP B 364 -16.95 -8.55 25.37
C TRP B 364 -16.61 -8.98 23.95
N THR B 365 -16.74 -10.29 23.67
CA THR B 365 -16.41 -10.96 22.40
C THR B 365 -15.09 -10.46 21.80
N ASP B 366 -15.06 -10.08 20.51
CA ASP B 366 -13.81 -9.68 19.88
C ASP B 366 -13.38 -8.25 20.23
N GLN B 367 -14.18 -7.52 21.01
CA GLN B 367 -13.90 -6.09 21.20
C GLN B 367 -12.56 -5.80 21.89
N PRO B 368 -12.08 -6.59 22.87
CA PRO B 368 -10.75 -6.27 23.41
C PRO B 368 -9.63 -6.34 22.37
N MET B 369 -9.73 -7.24 21.39
CA MET B 369 -8.71 -7.29 20.35
C MET B 369 -8.73 -6.04 19.51
N ASN B 370 -9.94 -5.64 19.06
CA ASN B 370 -10.07 -4.40 18.31
C ASN B 370 -9.54 -3.23 19.12
N ALA B 371 -9.84 -3.18 20.42
CA ALA B 371 -9.33 -2.09 21.26
C ALA B 371 -7.81 -2.09 21.32
N LYS B 372 -7.19 -3.28 21.41
CA LYS B 372 -5.73 -3.33 21.46
C LYS B 372 -5.13 -2.78 20.17
N TYR B 373 -5.70 -3.15 19.03
CA TYR B 373 -5.17 -2.67 17.76
C TYR B 373 -5.41 -1.18 17.59
N ILE B 374 -6.58 -0.68 17.99
CA ILE B 374 -6.83 0.75 17.95
C ILE B 374 -5.72 1.52 18.66
N GLN B 375 -5.40 1.12 19.89
CA GLN B 375 -4.45 1.90 20.71
C GLN B 375 -3.00 1.67 20.29
N ASP B 376 -2.59 0.42 20.05
CA ASP B 376 -1.17 0.10 19.97
C ASP B 376 -0.67 -0.30 18.59
N VAL B 377 -1.55 -0.65 17.65
CA VAL B 377 -1.13 -1.03 16.29
C VAL B 377 -1.42 0.09 15.30
N TRP B 378 -2.70 0.47 15.14
CA TRP B 378 -3.08 1.60 14.30
C TRP B 378 -2.81 2.93 14.99
N LYS B 379 -2.65 2.94 16.32
CA LYS B 379 -2.36 4.15 17.07
C LYS B 379 -3.38 5.25 16.73
N ALA B 380 -4.65 4.84 16.71
CA ALA B 380 -5.76 5.69 16.31
C ALA B 380 -6.71 5.99 17.46
N GLY B 381 -6.30 5.71 18.69
CA GLY B 381 -7.10 6.06 19.85
C GLY B 381 -6.46 5.52 21.10
N VAL B 382 -7.22 5.59 22.19
CA VAL B 382 -6.75 5.07 23.47
C VAL B 382 -7.83 4.19 24.08
N ARG B 383 -7.39 3.24 24.90
CA ARG B 383 -8.28 2.31 25.58
C ARG B 383 -8.53 2.80 27.01
N VAL B 384 -9.81 2.96 27.38
CA VAL B 384 -10.12 3.39 28.74
C VAL B 384 -9.57 2.38 29.74
N LYS B 385 -9.09 2.89 30.88
CA LYS B 385 -8.67 2.05 31.98
C LYS B 385 -9.89 1.62 32.79
N THR B 386 -10.01 0.33 33.07
CA THR B 386 -11.11 -0.17 33.87
C THR B 386 -10.62 -0.57 35.25
N GLU B 387 -11.57 -0.73 36.17
CA GLU B 387 -11.20 -1.07 37.53
C GLU B 387 -10.71 -2.51 37.62
N LYS B 388 -9.85 -2.77 38.60
CA LYS B 388 -9.34 -4.12 38.83
C LYS B 388 -10.48 -5.10 39.09
N GLU B 389 -11.47 -4.67 39.86
CA GLU B 389 -12.57 -5.53 40.29
C GLU B 389 -13.55 -5.78 39.15
N SER B 390 -14.21 -4.72 38.68
CA SER B 390 -15.47 -4.87 37.97
C SER B 390 -15.35 -4.82 36.46
N GLY B 391 -14.22 -4.39 35.93
CA GLY B 391 -14.14 -4.06 34.52
C GLY B 391 -15.02 -2.84 34.22
N ILE B 392 -15.46 -2.15 35.28
CA ILE B 392 -16.22 -0.91 35.11
C ILE B 392 -15.23 0.22 34.86
N ALA B 393 -15.53 1.05 33.86
CA ALA B 393 -14.76 2.26 33.59
C ALA B 393 -15.33 3.39 34.44
N LYS B 394 -14.55 3.85 35.42
CA LYS B 394 -15.04 4.92 36.28
C LYS B 394 -15.00 6.26 35.55
N ARG B 395 -15.92 7.15 35.94
CA ARG B 395 -16.13 8.43 35.25
C ARG B 395 -14.82 9.19 35.03
N GLU B 396 -13.91 9.14 36.00
CA GLU B 396 -12.67 9.91 35.83
C GLU B 396 -11.71 9.25 34.85
N GLU B 397 -11.82 7.93 34.64
CA GLU B 397 -10.94 7.30 33.65
C GLU B 397 -11.46 7.55 32.23
N ILE B 398 -12.78 7.56 32.07
CA ILE B 398 -13.38 7.91 30.79
C ILE B 398 -13.01 9.34 30.42
N GLU B 399 -13.19 10.26 31.36
CA GLU B 399 -12.89 11.67 31.13
C GLU B 399 -11.43 11.86 30.73
N PHE B 400 -10.50 11.20 31.42
CA PHE B 400 -9.08 11.28 31.06
C PHE B 400 -8.84 10.83 29.62
N SER B 401 -9.45 9.71 29.23
CA SER B 401 -9.22 9.17 27.89
C SER B 401 -9.81 10.10 26.82
N ILE B 402 -11.01 10.63 27.06
CA ILE B 402 -11.62 11.56 26.12
C ILE B 402 -10.73 12.78 25.92
N LYS B 403 -10.28 13.38 27.03
CA LYS B 403 -9.40 14.54 26.94
C LYS B 403 -8.11 14.17 26.21
N GLU B 404 -7.61 12.95 26.43
CA GLU B 404 -6.39 12.56 25.73
C GLU B 404 -6.62 12.52 24.22
N VAL B 405 -7.81 12.11 23.79
CA VAL B 405 -8.03 12.05 22.35
C VAL B 405 -8.39 13.44 21.82
N MET B 406 -9.02 14.28 22.64
CA MET B 406 -9.54 15.55 22.15
C MET B 406 -8.48 16.65 22.11
N GLU B 407 -7.58 16.71 23.09
CA GLU B 407 -6.68 17.87 23.21
C GLU B 407 -5.27 17.57 23.68
N GLY B 408 -4.96 16.41 24.26
CA GLY B 408 -3.65 16.17 24.80
C GLY B 408 -2.47 16.23 23.83
N GLU B 409 -1.30 15.76 24.30
CA GLU B 409 -0.10 15.80 23.49
C GLU B 409 -0.27 15.00 22.20
N ARG B 410 -0.69 13.75 22.33
CA ARG B 410 -0.79 12.86 21.19
C ARG B 410 -2.14 12.98 20.47
N SER B 411 -2.97 13.95 20.86
CA SER B 411 -4.24 14.16 20.14
C SER B 411 -3.98 14.43 18.66
N LYS B 412 -3.16 15.44 18.36
CA LYS B 412 -2.82 15.72 16.97
C LYS B 412 -2.18 14.52 16.29
N GLU B 413 -1.31 13.80 17.01
CA GLU B 413 -0.62 12.64 16.46
C GLU B 413 -1.61 11.55 16.04
N MET B 414 -2.57 11.23 16.91
CA MET B 414 -3.56 10.21 16.62
C MET B 414 -4.50 10.63 15.49
N LYS B 415 -4.82 11.94 15.40
CA LYS B 415 -5.71 12.39 14.34
C LYS B 415 -5.10 12.16 12.97
N LYS B 416 -3.80 12.44 12.81
CA LYS B 416 -3.16 12.21 11.52
C LYS B 416 -2.97 10.72 11.28
N ASN B 417 -2.63 9.96 12.33
CA ASN B 417 -2.47 8.50 12.17
C ASN B 417 -3.71 7.86 11.58
N VAL B 418 -4.90 8.28 12.02
CA VAL B 418 -6.13 7.67 11.54
C VAL B 418 -6.55 8.19 10.15
N LYS B 419 -6.10 9.37 9.74
CA LYS B 419 -6.52 9.90 8.45
C LYS B 419 -5.89 9.17 7.28
N LYS B 420 -4.97 8.24 7.55
CA LYS B 420 -4.30 7.51 6.49
C LYS B 420 -5.21 6.46 5.86
N TRP B 421 -6.23 5.98 6.57
CA TRP B 421 -6.88 4.75 6.13
C TRP B 421 -7.87 4.99 4.99
N ARG B 422 -8.44 6.19 4.89
CA ARG B 422 -9.40 6.47 3.82
C ARG B 422 -8.83 6.09 2.45
N ASP B 423 -7.67 6.67 2.10
CA ASP B 423 -7.06 6.44 0.79
C ASP B 423 -6.63 4.99 0.60
N LEU B 424 -6.22 4.28 1.67
CA LEU B 424 -5.90 2.88 1.51
C LEU B 424 -7.16 2.05 1.23
N ALA B 425 -8.25 2.35 1.93
CA ALA B 425 -9.51 1.66 1.66
C ALA B 425 -9.99 1.92 0.23
N VAL B 426 -9.99 3.20 -0.20
CA VAL B 426 -10.41 3.54 -1.57
C VAL B 426 -9.55 2.82 -2.61
N LYS B 427 -8.24 2.77 -2.40
CA LYS B 427 -7.37 2.07 -3.34
C LYS B 427 -7.75 0.59 -3.43
N SER B 428 -8.01 -0.03 -2.27
CA SER B 428 -8.33 -1.46 -2.25
C SER B 428 -9.64 -1.75 -3.00
N LEU B 429 -10.56 -0.79 -3.00
CA LEU B 429 -11.88 -0.96 -3.62
C LEU B 429 -11.90 -0.52 -5.09
N ASN B 430 -10.96 0.33 -5.52
CA ASN B 430 -10.84 0.68 -6.92
C ASN B 430 -10.22 -0.46 -7.72
N GLU B 431 -10.30 -0.36 -9.05
CA GLU B 431 -9.74 -1.39 -9.94
C GLU B 431 -8.30 -1.73 -9.60
N GLY B 432 -7.98 -3.02 -9.65
CA GLY B 432 -6.65 -3.49 -9.35
C GLY B 432 -6.28 -3.56 -7.88
N GLY B 433 -7.08 -3.00 -6.99
CA GLY B 433 -6.81 -3.07 -5.57
C GLY B 433 -6.93 -4.47 -5.02
N SER B 434 -6.43 -4.63 -3.79
CA SER B 434 -6.49 -5.87 -3.04
C SER B 434 -7.90 -6.50 -3.08
N THR B 435 -8.90 -5.73 -2.65
CA THR B 435 -10.25 -6.26 -2.47
C THR B 435 -10.94 -6.47 -3.82
N ASP B 436 -10.84 -5.46 -4.71
CA ASP B 436 -11.40 -5.58 -6.05
C ASP B 436 -10.92 -6.83 -6.73
N THR B 437 -9.65 -7.17 -6.52
CA THR B 437 -9.05 -8.37 -7.11
C THR B 437 -9.59 -9.64 -6.46
N ASN B 438 -9.65 -9.66 -5.12
CA ASN B 438 -10.13 -10.84 -4.41
C ASN B 438 -11.62 -11.09 -4.67
N ILE B 439 -12.39 -10.03 -4.87
CA ILE B 439 -13.79 -10.21 -5.26
C ILE B 439 -13.87 -10.84 -6.65
N ASP B 440 -13.05 -10.35 -7.59
CA ASP B 440 -13.03 -10.95 -8.93
C ASP B 440 -12.64 -12.41 -8.88
N THR B 441 -11.71 -12.78 -8.01
CA THR B 441 -11.38 -14.19 -7.84
C THR B 441 -12.59 -14.99 -7.36
N PHE B 442 -13.29 -14.49 -6.34
CA PHE B 442 -14.49 -15.19 -5.85
C PHE B 442 -15.54 -15.30 -6.96
N VAL B 443 -15.78 -14.21 -7.69
CA VAL B 443 -16.81 -14.22 -8.72
C VAL B 443 -16.48 -15.23 -9.81
N SER B 444 -15.21 -15.27 -10.24
CA SER B 444 -14.77 -16.24 -11.24
C SER B 444 -15.14 -17.66 -10.84
N ARG B 445 -14.85 -18.03 -9.59
CA ARG B 445 -15.10 -19.40 -9.15
C ARG B 445 -16.60 -19.73 -9.14
N VAL B 446 -17.43 -18.76 -8.76
CA VAL B 446 -18.86 -19.04 -8.60
C VAL B 446 -19.53 -19.25 -9.95
N GLN B 447 -19.12 -18.50 -10.96
CA GLN B 447 -19.56 -18.80 -12.32
C GLN B 447 -18.39 -19.28 -13.19
C2 BGC C . 18.69 17.34 -19.63
C3 BGC C . 19.02 17.76 -18.19
C4 BGC C . 18.13 18.90 -17.69
C5 BGC C . 16.64 18.81 -18.13
C6 BGC C . 15.98 20.19 -17.95
C1 BGC C . 17.17 17.11 -19.76
O2 BGC C . 19.43 16.11 -19.84
O3 BGC C . 20.41 18.14 -18.11
O4 BGC C . 18.20 18.95 -16.26
O5 BGC C . 16.47 18.36 -19.46
O6 BGC C . 14.57 20.02 -18.02
C2 BGC C . 22.45 17.05 -18.10
C3 BGC C . 23.45 16.37 -17.19
C4 BGC C . 23.78 17.27 -15.99
C5 BGC C . 22.52 17.59 -15.23
C6 BGC C . 22.83 18.64 -14.14
C1 BGC C . 21.22 17.35 -17.28
O2 BGC C . 22.06 16.17 -19.16
O3 BGC C . 24.63 16.00 -17.90
O4 BGC C . 24.60 16.54 -15.09
O5 BGC C . 21.55 18.14 -16.12
O6 BGC C . 21.67 18.87 -13.33
C2 BGC D . -27.62 -13.12 20.65
C3 BGC D . -28.08 -11.72 21.10
C4 BGC D . -28.31 -11.67 22.60
C5 BGC D . -27.09 -12.23 23.38
C6 BGC D . -27.32 -12.21 24.91
C1 BGC D . -26.47 -13.64 21.52
O2 BGC D . -27.32 -13.06 19.24
O3 BGC D . -29.29 -11.48 20.37
O4 BGC D . -28.58 -10.34 23.07
O5 BGC D . -26.84 -13.53 22.93
O6 BGC D . -26.20 -12.80 25.56
C2 BGC D . -29.97 -10.90 18.21
C3 BGC D . -30.13 -9.67 17.30
C4 BGC D . -30.71 -8.48 18.03
C5 BGC D . -29.92 -8.16 19.27
C6 BGC D . -30.61 -7.05 20.06
C1 BGC D . -29.20 -10.44 19.45
O2 BGC D . -29.24 -11.93 17.54
O3 BGC D . -30.97 -9.96 16.19
O4 BGC D . -30.59 -7.33 17.22
O5 BGC D . -29.79 -9.31 20.11
O6 BGC D . -29.68 -6.54 21.04
C2 BGC E . 12.67 19.55 -14.50
C3 BGC E . 13.05 18.85 -13.21
C4 BGC E . 11.88 19.02 -12.19
C5 BGC E . 10.51 18.67 -12.82
C6 BGC E . 9.37 19.32 -11.92
C1 BGC E . 11.36 19.15 -15.07
O2 BGC E . 13.75 19.27 -15.43
O3 BGC E . 14.19 19.40 -12.59
O4 BGC E . 12.08 18.14 -11.09
O5 BGC E . 10.31 19.19 -14.14
O6 BGC E . 8.17 19.29 -12.55
N1 UDP F . 24.16 9.69 -6.42
C2 UDP F . 25.36 9.90 -5.66
N3 UDP F . 25.38 11.02 -4.71
C4 UDP F . 24.27 11.92 -4.54
C5 UDP F . 23.05 11.70 -5.34
C6 UDP F . 23.01 10.57 -6.29
O2 UDP F . 26.29 9.18 -5.77
O4 UDP F . 24.38 12.82 -3.74
C1' UDP F . 24.16 8.60 -7.38
C2' UDP F . 23.14 7.46 -7.05
O2' UDP F . 23.78 6.49 -6.31
C3' UDP F . 22.74 7.08 -8.46
C4' UDP F . 22.81 8.19 -9.30
O4' UDP F . 23.74 9.18 -8.50
O3' UDP F . 23.68 6.05 -8.97
C5' UDP F . 21.50 8.88 -9.55
O5' UDP F . 20.84 8.10 -10.54
PA UDP F . 19.20 7.97 -10.47
O1A UDP F . 18.81 7.66 -9.05
O2A UDP F . 18.78 7.00 -11.55
O3A UDP F . 18.61 9.48 -10.66
PB UDP F . 18.80 10.70 -11.76
O1B UDP F . 20.02 11.40 -11.20
O2B UDP F . 17.56 11.55 -11.69
O3B UDP F . 19.07 10.04 -13.10
C01 7WV G . 18.04 12.55 -18.62
C02 7WV G . 17.30 13.32 -19.54
C03 7WV G . 15.94 13.02 -19.78
C04 7WV G . 15.37 11.94 -19.09
C05 7WV G . 16.08 11.17 -18.16
C06 7WV G . 17.43 11.50 -17.94
C07 7WV G . 15.51 9.96 -17.35
O08 7WV G . 16.41 9.22 -16.89
O09 7WV G . 14.25 9.80 -17.23
BR1 7WV G . 13.37 11.57 -19.53
C2 BGC H . -24.20 -9.72 26.48
C3 BGC H . -23.97 -8.25 26.19
C4 BGC H . -23.01 -7.63 27.25
C5 BGC H . -21.79 -8.56 27.39
C6 BGC H . -20.66 -8.08 28.39
C1 BGC H . -22.99 -10.49 26.87
O2 BGC H . -24.87 -10.28 25.32
O3 BGC H . -25.18 -7.53 26.14
O4 BGC H . -22.54 -6.35 26.82
O5 BGC H . -22.26 -9.81 27.87
O6 BGC H . -21.17 -7.51 29.52
N1 UDP I . -24.96 1.49 14.02
C2 UDP I . -25.89 2.52 13.58
N3 UDP I . -26.49 3.37 14.58
C4 UDP I . -26.21 3.24 16.00
C5 UDP I . -25.24 2.19 16.43
C6 UDP I . -24.62 1.31 15.40
O2 UDP I . -26.13 2.64 12.45
O4 UDP I . -26.75 3.97 16.78
C1' UDP I . -24.37 0.62 13.03
C2' UDP I . -22.83 0.83 12.90
O2' UDP I . -22.65 1.78 11.92
C3' UDP I . -22.42 -0.62 12.60
C4' UDP I . -23.31 -1.48 13.21
O4' UDP I . -24.57 -0.59 13.54
O3' UDP I . -22.51 -0.88 11.14
C5' UDP I . -22.80 -2.10 14.47
O5' UDP I . -21.93 -3.19 14.14
PA UDP I . -20.61 -3.46 15.07
O1A UDP I . -19.91 -2.16 15.40
O2A UDP I . -19.73 -4.55 14.51
O3A UDP I . -21.21 -3.87 16.55
PB UDP I . -22.28 -4.99 17.10
O1B UDP I . -21.89 -5.31 18.54
O2B UDP I . -22.19 -6.19 16.18
O3B UDP I . -23.61 -4.29 17.00
C01 7WV J . -23.99 -12.03 17.89
C02 7WV J . -23.97 -13.12 18.74
C03 7WV J . -22.75 -13.62 19.23
C04 7WV J . -21.57 -12.99 18.81
C05 7WV J . -21.55 -11.88 17.95
C06 7WV J . -22.80 -11.42 17.49
C07 7WV J . -20.27 -11.14 17.44
O08 7WV J . -19.27 -11.20 18.20
O09 7WV J . -20.33 -10.54 16.35
BR1 7WV J . -19.87 -13.78 19.56
#